data_5NTW
#
_entry.id   5NTW
#
_cell.length_a   86.187
_cell.length_b   68.468
_cell.length_c   96.717
_cell.angle_alpha   90.000
_cell.angle_beta   110.320
_cell.angle_gamma   90.000
#
_symmetry.space_group_name_H-M   'P 1 21 1'
#
loop_
_entity.id
_entity.type
_entity.pdbx_description
1 polymer 'Nuclear receptor ROR-gamma'
2 polymer 'Nuclear receptor-interacting protein 1'
3 non-polymer (S)-N-((5-(ethylsulfonyl)pyridin-2-yl)methyl)-7-isopropyl-6-(((1r,4S)-4-(trifluoromethyl)cyclohexyl)methyl)-6,7-dihydro-5H-pyrrolo[3,4-b]pyridine-3-carboxamide
4 water water
#
loop_
_entity_poly.entity_id
_entity_poly.type
_entity_poly.pdbx_seq_one_letter_code
_entity_poly.pdbx_strand_id
1 'polypeptide(L)'
;GPYASLTEIEHLVQSVCKSYRETCQLRLEDLLRQRSNIFSREEVTGYQRKSMWEMWERCAHHLTEAIQYVVEFAKRLSGF
MELCQNDQIVLLKAGAMEVVLVRMCRAYNADNRTVFFEGKYGGMELFRALGCSELISSIFDFSHSLSALHFSEDEIALYT
ALVLINAHRPGLQEKRKVEQLQYNLELAFHHHLSKTHRQSILAKLPPKGKLRSLCSQHVERLQIFQHLHPIVVQAAFPPL
YKELFSTETESPVGLSK
;
A,B,C,D
2 'polypeptide(L)' NSHQKVTLLQLLLGHKNEEN P,Q,R,S
#
loop_
_chem_comp.id
_chem_comp.type
_chem_comp.name
_chem_comp.formula
98N non-polymer (S)-N-((5-(ethylsulfonyl)pyridin-2-yl)methyl)-7-isopropyl-6-(((1r,4S)-4-(trifluoromethyl)cyclohexyl)methyl)-6,7-dihydro-5H-pyrrolo[3,4-b]pyridine-3-carboxamide 'C27 H35 F3 N4 O3 S'
#
# COMPACT_ATOMS: atom_id res chain seq x y z
N TYR A 3 -21.63 -19.83 33.86
CA TYR A 3 -21.51 -20.95 32.87
C TYR A 3 -22.37 -20.66 31.65
N ALA A 4 -21.77 -20.04 30.63
CA ALA A 4 -22.53 -19.60 29.48
C ALA A 4 -23.01 -20.79 28.65
N SER A 5 -24.32 -20.81 28.38
CA SER A 5 -24.91 -21.85 27.55
C SER A 5 -24.48 -21.71 26.10
N LEU A 6 -24.73 -22.75 25.32
CA LEU A 6 -24.47 -22.70 23.88
C LEU A 6 -25.22 -21.55 23.22
N THR A 7 -26.47 -21.34 23.64
CA THR A 7 -27.29 -20.23 23.14
C THR A 7 -26.65 -18.88 23.46
N GLU A 8 -26.18 -18.73 24.70
CA GLU A 8 -25.50 -17.51 25.12
C GLU A 8 -24.20 -17.25 24.36
N ILE A 9 -23.48 -18.33 24.07
CA ILE A 9 -22.23 -18.24 23.31
CA ILE A 9 -22.23 -18.25 23.30
C ILE A 9 -22.53 -17.83 21.85
N GLU A 10 -23.55 -18.43 21.25
CA GLU A 10 -23.95 -18.09 19.88
C GLU A 10 -24.39 -16.63 19.79
N HIS A 11 -25.11 -16.16 20.81
CA HIS A 11 -25.54 -14.77 20.89
C HIS A 11 -24.33 -13.85 21.02
N LEU A 12 -23.33 -14.27 21.78
CA LEU A 12 -22.09 -13.50 21.94
C LEU A 12 -21.34 -13.37 20.61
N VAL A 13 -21.26 -14.46 19.87
CA VAL A 13 -20.67 -14.40 18.50
C VAL A 13 -21.33 -13.27 17.71
N GLN A 14 -22.66 -13.26 17.70
CA GLN A 14 -23.41 -12.28 16.93
C GLN A 14 -23.18 -10.85 17.42
N SER A 15 -23.16 -10.68 18.75
CA SER A 15 -22.94 -9.37 19.39
CA SER A 15 -22.96 -9.35 19.35
C SER A 15 -21.57 -8.79 19.05
N VAL A 16 -20.52 -9.61 19.21
CA VAL A 16 -19.15 -9.19 18.93
C VAL A 16 -18.99 -8.77 17.46
N CYS A 17 -19.52 -9.59 16.55
CA CYS A 17 -19.46 -9.29 15.12
C CYS A 17 -20.19 -7.99 14.76
N LYS A 18 -21.36 -7.76 15.38
CA LYS A 18 -22.10 -6.51 15.20
C LYS A 18 -21.29 -5.31 15.71
N SER A 19 -20.71 -5.45 16.91
CA SER A 19 -19.91 -4.38 17.51
C SER A 19 -18.73 -4.00 16.60
N TYR A 20 -18.09 -5.01 16.02
CA TYR A 20 -17.00 -4.78 15.10
C TYR A 20 -17.46 -4.13 13.78
N ARG A 21 -18.52 -4.64 13.17
CA ARG A 21 -19.06 -4.10 11.91
C ARG A 21 -19.39 -2.62 12.04
N GLU A 22 -19.90 -2.23 13.21
CA GLU A 22 -20.33 -0.87 13.47
C GLU A 22 -19.17 0.09 13.72
N THR A 23 -17.96 -0.45 13.88
CA THR A 23 -16.80 0.35 14.29
C THR A 23 -15.52 -0.01 13.51
N CYS A 24 -15.68 -0.65 12.36
CA CYS A 24 -14.54 -1.16 11.59
C CYS A 24 -13.75 -0.11 10.80
N GLN A 25 -14.18 1.15 10.91
CA GLN A 25 -13.53 2.32 10.32
C GLN A 25 -13.76 2.44 8.81
N LEU A 26 -13.10 1.59 8.03
CA LEU A 26 -13.38 1.51 6.60
C LEU A 26 -13.97 0.14 6.26
N ARG A 27 -14.89 0.12 5.30
CA ARG A 27 -15.46 -1.13 4.82
C ARG A 27 -14.41 -1.84 3.99
N LEU A 28 -14.34 -3.16 4.16
CA LEU A 28 -13.34 -3.98 3.48
C LEU A 28 -13.41 -3.82 1.95
N GLU A 29 -14.63 -3.73 1.44
CA GLU A 29 -14.90 -3.56 0.01
C GLU A 29 -14.16 -2.35 -0.56
N ASP A 30 -14.13 -1.28 0.21
CA ASP A 30 -13.48 -0.03 -0.19
C ASP A 30 -11.96 -0.14 -0.24
N LEU A 31 -11.39 -0.84 0.74
CA LEU A 31 -9.94 -1.09 0.78
C LEU A 31 -9.49 -1.97 -0.39
N LEU A 32 -10.27 -3.02 -0.69
CA LEU A 32 -9.94 -3.94 -1.76
C LEU A 32 -10.00 -3.28 -3.14
N ARG A 33 -10.96 -2.39 -3.32
CA ARG A 33 -11.14 -1.66 -4.58
C ARG A 33 -9.96 -0.74 -4.89
N GLN A 34 -9.34 -0.21 -3.83
CA GLN A 34 -8.25 0.76 -3.97
C GLN A 34 -6.88 0.13 -4.21
N ARG A 35 -6.81 -1.21 -4.21
CA ARG A 35 -5.52 -1.92 -4.36
C ARG A 35 -4.75 -1.57 -5.63
N SER A 36 -5.49 -1.23 -6.70
CA SER A 36 -4.88 -0.84 -7.98
C SER A 36 -4.33 0.58 -7.96
N ASN A 37 -4.70 1.34 -6.93
CA ASN A 37 -4.25 2.72 -6.76
CA ASN A 37 -4.24 2.73 -6.77
C ASN A 37 -2.98 2.79 -5.90
N ILE A 38 -1.84 2.90 -6.57
CA ILE A 38 -0.52 2.82 -5.94
C ILE A 38 0.25 4.13 -6.15
N PHE A 39 0.93 4.62 -5.11
CA PHE A 39 1.74 5.84 -5.21
C PHE A 39 2.79 5.69 -6.31
N SER A 40 2.95 6.74 -7.12
CA SER A 40 3.97 6.78 -8.17
C SER A 40 5.36 6.98 -7.55
N ARG A 41 6.40 6.69 -8.34
CA ARG A 41 7.78 6.93 -7.91
C ARG A 41 7.99 8.35 -7.41
N GLU A 42 7.44 9.33 -8.14
CA GLU A 42 7.55 10.74 -7.78
C GLU A 42 6.85 11.06 -6.46
N GLU A 43 5.67 10.46 -6.25
CA GLU A 43 4.92 10.65 -5.01
C GLU A 43 5.64 10.04 -3.81
N VAL A 44 6.22 8.86 -4.03
CA VAL A 44 7.02 8.17 -3.01
C VAL A 44 8.23 9.02 -2.63
N THR A 45 8.89 9.59 -3.64
CA THR A 45 10.02 10.49 -3.40
C THR A 45 9.59 11.70 -2.54
N GLY A 46 8.43 12.28 -2.84
CA GLY A 46 7.86 13.38 -2.07
C GLY A 46 7.69 13.05 -0.59
N TYR A 47 7.15 11.86 -0.31
CA TYR A 47 7.04 11.40 1.08
C TYR A 47 8.41 11.20 1.74
N GLN A 48 9.37 10.67 1.00
CA GLN A 48 10.71 10.44 1.54
C GLN A 48 11.46 11.73 1.82
N ARG A 49 11.09 12.79 1.11
CA ARG A 49 11.69 14.12 1.30
C ARG A 49 10.97 14.98 2.34
N LYS A 50 9.83 14.50 2.85
CA LYS A 50 9.13 15.20 3.93
C LYS A 50 9.99 15.21 5.16
N SER A 51 9.86 16.27 5.97
CA SER A 51 10.55 16.34 7.24
C SER A 51 10.13 15.17 8.15
N MET A 52 11.04 14.76 9.03
CA MET A 52 10.73 13.74 10.00
C MET A 52 9.51 14.14 10.82
N TRP A 53 9.46 15.40 11.26
CA TRP A 53 8.34 15.87 12.09
C TRP A 53 6.98 15.78 11.40
N GLU A 54 6.92 16.18 10.12
CA GLU A 54 5.64 16.20 9.42
C GLU A 54 5.15 14.78 9.15
N MET A 55 6.07 13.89 8.83
CA MET A 55 5.71 12.49 8.64
C MET A 55 5.23 11.84 9.95
N TRP A 56 5.94 12.10 11.04
CA TRP A 56 5.51 11.62 12.36
C TRP A 56 4.14 12.19 12.75
N GLU A 57 3.95 13.49 12.49
CA GLU A 57 2.68 14.16 12.76
C GLU A 57 1.52 13.52 11.99
N ARG A 58 1.72 13.31 10.69
CA ARG A 58 0.69 12.67 9.87
C ARG A 58 0.38 11.26 10.37
N CYS A 59 1.42 10.48 10.62
CA CYS A 59 1.25 9.12 11.11
C CYS A 59 0.56 9.06 12.47
N ALA A 60 0.89 9.98 13.37
CA ALA A 60 0.27 10.02 14.70
C ALA A 60 -1.21 10.34 14.59
N HIS A 61 -1.55 11.27 13.69
CA HIS A 61 -2.95 11.57 13.39
C HIS A 61 -3.71 10.35 12.86
N HIS A 62 -3.18 9.68 11.83
CA HIS A 62 -3.88 8.52 11.27
C HIS A 62 -4.00 7.37 12.26
N LEU A 63 -2.97 7.14 13.06
CA LEU A 63 -2.99 6.12 14.10
CA LEU A 63 -3.01 6.11 14.09
C LEU A 63 -4.07 6.44 15.14
N THR A 64 -4.16 7.71 15.53
CA THR A 64 -5.14 8.15 16.53
C THR A 64 -6.58 7.95 16.02
N GLU A 65 -6.82 8.28 14.75
CA GLU A 65 -8.14 8.06 14.13
C GLU A 65 -8.51 6.58 14.25
N ALA A 66 -7.58 5.69 13.89
CA ALA A 66 -7.83 4.26 14.00
C ALA A 66 -8.09 3.84 15.45
N ILE A 67 -7.37 4.45 16.39
CA ILE A 67 -7.52 4.15 17.81
C ILE A 67 -8.92 4.55 18.30
N GLN A 68 -9.40 5.70 17.83
CA GLN A 68 -10.73 6.17 18.19
C GLN A 68 -11.84 5.18 17.83
N TYR A 69 -11.70 4.49 16.69
CA TYR A 69 -12.66 3.47 16.31
C TYR A 69 -12.55 2.23 17.19
N VAL A 70 -11.34 1.95 17.68
CA VAL A 70 -11.13 0.83 18.59
C VAL A 70 -11.74 1.12 19.96
N VAL A 71 -11.61 2.36 20.43
CA VAL A 71 -12.27 2.78 21.67
C VAL A 71 -13.79 2.60 21.54
N GLU A 72 -14.33 3.02 20.40
CA GLU A 72 -15.77 2.84 20.14
C GLU A 72 -16.16 1.35 20.11
N PHE A 73 -15.29 0.52 19.50
CA PHE A 73 -15.47 -0.93 19.52
C PHE A 73 -15.56 -1.46 20.96
N ALA A 74 -14.63 -1.04 21.81
CA ALA A 74 -14.63 -1.43 23.23
C ALA A 74 -15.93 -1.05 23.93
N LYS A 75 -16.40 0.17 23.69
CA LYS A 75 -17.62 0.65 24.34
C LYS A 75 -18.87 -0.15 23.98
N ARG A 76 -18.87 -0.71 22.76
CA ARG A 76 -20.00 -1.49 22.26
C ARG A 76 -19.83 -2.99 22.50
N LEU A 77 -18.64 -3.39 22.92
CA LEU A 77 -18.32 -4.79 23.12
C LEU A 77 -19.00 -5.36 24.37
N SER A 78 -19.71 -6.46 24.18
CA SER A 78 -20.46 -7.11 25.24
C SER A 78 -19.57 -7.40 26.45
N GLY A 79 -19.93 -6.81 27.59
CA GLY A 79 -19.21 -7.05 28.84
C GLY A 79 -18.11 -6.06 29.22
N PHE A 80 -17.59 -5.33 28.25
CA PHE A 80 -16.49 -4.38 28.50
C PHE A 80 -16.91 -3.23 29.43
N MET A 81 -18.08 -2.66 29.18
CA MET A 81 -18.54 -1.51 29.97
C MET A 81 -19.03 -1.91 31.36
N GLU A 82 -19.19 -3.22 31.58
CA GLU A 82 -19.54 -3.76 32.90
C GLU A 82 -18.31 -3.94 33.80
N LEU A 83 -17.13 -3.82 33.21
CA LEU A 83 -15.87 -3.82 33.96
C LEU A 83 -15.70 -2.49 34.68
N CYS A 84 -14.88 -2.48 35.73
CA CYS A 84 -14.63 -1.25 36.48
C CYS A 84 -13.78 -0.29 35.65
N GLN A 85 -13.87 1.00 35.98
CA GLN A 85 -13.17 2.07 35.26
C GLN A 85 -11.67 1.82 35.11
N ASN A 86 -11.00 1.42 36.20
CA ASN A 86 -9.58 1.13 36.17
C ASN A 86 -9.24 0.07 35.12
N ASP A 87 -10.03 -0.99 35.09
CA ASP A 87 -9.77 -2.11 34.19
C ASP A 87 -10.09 -1.80 32.73
N GLN A 88 -11.10 -0.98 32.49
CA GLN A 88 -11.40 -0.48 31.15
C GLN A 88 -10.18 0.24 30.58
N ILE A 89 -9.61 1.12 31.41
CA ILE A 89 -8.43 1.91 31.07
C ILE A 89 -7.23 1.02 30.82
N VAL A 90 -6.95 0.12 31.76
CA VAL A 90 -5.81 -0.80 31.64
C VAL A 90 -5.88 -1.60 30.34
N LEU A 91 -7.05 -2.16 30.04
CA LEU A 91 -7.22 -2.95 28.82
C LEU A 91 -7.02 -2.09 27.57
N LEU A 92 -7.63 -0.92 27.53
CA LEU A 92 -7.49 -0.06 26.35
C LEU A 92 -6.10 0.53 26.16
N LYS A 93 -5.46 0.94 27.25
CA LYS A 93 -4.12 1.50 27.16
C LYS A 93 -3.15 0.47 26.57
N ALA A 94 -3.29 -0.78 27.00
CA ALA A 94 -2.42 -1.85 26.52
C ALA A 94 -2.86 -2.43 25.17
N GLY A 95 -4.17 -2.46 24.93
CA GLY A 95 -4.73 -3.19 23.79
C GLY A 95 -5.08 -2.39 22.56
N ALA A 96 -5.29 -1.09 22.72
CA ALA A 96 -5.71 -0.22 21.60
C ALA A 96 -4.80 -0.36 20.38
N MET A 97 -3.50 -0.21 20.60
CA MET A 97 -2.53 -0.31 19.50
C MET A 97 -2.46 -1.72 18.92
N GLU A 98 -2.55 -2.72 19.79
CA GLU A 98 -2.53 -4.11 19.34
C GLU A 98 -3.70 -4.36 18.38
N VAL A 99 -4.89 -3.87 18.75
CA VAL A 99 -6.08 -4.06 17.92
C VAL A 99 -5.95 -3.33 16.59
N VAL A 100 -5.40 -2.12 16.62
CA VAL A 100 -5.15 -1.36 15.38
C VAL A 100 -4.20 -2.13 14.46
N LEU A 101 -3.13 -2.68 15.03
CA LEU A 101 -2.16 -3.45 14.23
C LEU A 101 -2.78 -4.67 13.57
N VAL A 102 -3.68 -5.36 14.27
CA VAL A 102 -4.39 -6.50 13.70
C VAL A 102 -5.35 -6.03 12.60
N ARG A 103 -6.15 -5.01 12.90
CA ARG A 103 -7.09 -4.45 11.92
C ARG A 103 -6.38 -4.02 10.65
N MET A 104 -5.14 -3.52 10.80
CA MET A 104 -4.35 -2.97 9.69
C MET A 104 -4.11 -3.97 8.55
N CYS A 105 -4.13 -5.27 8.85
CA CYS A 105 -3.94 -6.28 7.80
C CYS A 105 -4.99 -6.18 6.69
N ARG A 106 -6.16 -5.65 7.01
CA ARG A 106 -7.22 -5.40 6.02
C ARG A 106 -6.78 -4.44 4.93
N ALA A 107 -5.92 -3.48 5.31
CA ALA A 107 -5.45 -2.45 4.39
C ALA A 107 -4.06 -2.79 3.82
N TYR A 108 -3.67 -4.05 3.97
CA TYR A 108 -2.40 -4.52 3.47
C TYR A 108 -2.58 -5.45 2.27
N ASN A 109 -1.84 -5.14 1.19
CA ASN A 109 -1.80 -5.99 0.00
C ASN A 109 -0.54 -6.83 -0.03
N ALA A 110 -0.69 -8.13 0.25
CA ALA A 110 0.42 -9.09 0.27
C ALA A 110 1.07 -9.28 -1.10
N ASP A 111 0.32 -9.02 -2.17
CA ASP A 111 0.79 -9.26 -3.55
C ASP A 111 1.95 -8.36 -3.94
N ASN A 112 1.90 -7.10 -3.51
CA ASN A 112 2.97 -6.15 -3.80
C ASN A 112 3.56 -5.53 -2.54
N ARG A 113 3.14 -6.03 -1.37
CA ARG A 113 3.62 -5.58 -0.06
C ARG A 113 3.42 -4.08 0.17
N THR A 114 2.19 -3.63 -0.04
CA THR A 114 1.86 -2.22 0.18
C THR A 114 0.73 -2.08 1.20
N VAL A 115 0.64 -0.88 1.77
CA VAL A 115 -0.40 -0.56 2.74
C VAL A 115 -1.11 0.73 2.31
N PHE A 116 -2.41 0.76 2.58
CA PHE A 116 -3.24 1.92 2.30
C PHE A 116 -2.92 3.05 3.28
N PHE A 117 -2.45 4.18 2.74
CA PHE A 117 -2.03 5.32 3.53
C PHE A 117 -2.31 6.59 2.73
N GLU A 118 -3.06 7.51 3.33
CA GLU A 118 -3.39 8.79 2.70
C GLU A 118 -3.87 8.63 1.25
N GLY A 119 -4.72 7.64 1.03
CA GLY A 119 -5.49 7.52 -0.22
C GLY A 119 -4.98 6.58 -1.30
N LYS A 120 -3.73 6.15 -1.19
CA LYS A 120 -3.15 5.18 -2.13
C LYS A 120 -2.35 4.14 -1.38
N TYR A 121 -1.97 3.08 -2.08
CA TYR A 121 -1.13 2.04 -1.50
C TYR A 121 0.35 2.36 -1.69
N GLY A 122 1.11 2.22 -0.61
CA GLY A 122 2.55 2.44 -0.64
C GLY A 122 3.31 1.35 0.08
N GLY A 123 4.53 1.06 -0.38
CA GLY A 123 5.38 0.09 0.29
C GLY A 123 6.09 0.68 1.49
N MET A 124 6.90 -0.13 2.18
CA MET A 124 7.60 0.34 3.39
C MET A 124 8.49 1.56 3.10
N GLU A 125 8.95 1.71 1.85
CA GLU A 125 9.79 2.85 1.44
C GLU A 125 9.10 4.22 1.58
N LEU A 126 7.76 4.23 1.61
CA LEU A 126 7.01 5.47 1.78
C LEU A 126 7.33 6.12 3.12
N PHE A 127 7.72 5.29 4.09
CA PHE A 127 7.84 5.73 5.47
C PHE A 127 9.27 6.05 5.89
N ARG A 128 10.19 6.14 4.91
CA ARG A 128 11.62 6.32 5.19
C ARG A 128 11.96 7.53 6.09
N ALA A 129 11.22 8.62 5.93
CA ALA A 129 11.46 9.86 6.69
C ALA A 129 11.25 9.74 8.21
N LEU A 130 10.54 8.69 8.65
CA LEU A 130 10.31 8.49 10.09
C LEU A 130 11.59 8.12 10.81
N GLY A 131 12.49 7.44 10.11
CA GLY A 131 13.74 6.97 10.71
C GLY A 131 13.57 5.78 11.63
N CYS A 132 12.60 4.91 11.30
CA CYS A 132 12.38 3.68 12.08
CA CYS A 132 12.33 3.69 12.08
C CYS A 132 12.15 2.48 11.17
N SER A 133 13.10 2.26 10.25
CA SER A 133 13.02 1.17 9.27
C SER A 133 12.76 -0.20 9.88
N GLU A 134 13.40 -0.47 11.01
CA GLU A 134 13.27 -1.78 11.64
C GLU A 134 11.86 -2.03 12.16
N LEU A 135 11.27 -1.01 12.80
CA LEU A 135 9.89 -1.14 13.26
C LEU A 135 8.94 -1.25 12.08
N ILE A 136 9.10 -0.37 11.09
CA ILE A 136 8.24 -0.41 9.90
C ILE A 136 8.31 -1.78 9.19
N SER A 137 9.52 -2.31 8.99
CA SER A 137 9.63 -3.63 8.37
C SER A 137 8.97 -4.71 9.23
N SER A 138 9.09 -4.59 10.55
CA SER A 138 8.44 -5.53 11.46
C SER A 138 6.90 -5.50 11.35
N ILE A 139 6.34 -4.30 11.19
CA ILE A 139 4.90 -4.14 11.01
C ILE A 139 4.43 -4.71 9.65
N PHE A 140 5.22 -4.46 8.61
CA PHE A 140 4.96 -5.05 7.30
C PHE A 140 5.04 -6.58 7.35
N ASP A 141 6.05 -7.12 8.03
CA ASP A 141 6.16 -8.57 8.22
C ASP A 141 4.96 -9.14 8.97
N PHE A 142 4.54 -8.46 10.04
CA PHE A 142 3.40 -8.88 10.84
C PHE A 142 2.13 -8.90 10.00
N SER A 143 1.92 -7.83 9.23
CA SER A 143 0.74 -7.68 8.37
C SER A 143 0.72 -8.78 7.31
N HIS A 144 1.89 -9.08 6.77
CA HIS A 144 2.04 -10.13 5.77
C HIS A 144 1.69 -11.51 6.34
N SER A 145 2.12 -11.77 7.58
CA SER A 145 1.81 -13.04 8.25
CA SER A 145 1.80 -13.03 8.25
C SER A 145 0.30 -13.19 8.46
N LEU A 146 -0.35 -12.10 8.90
CA LEU A 146 -1.81 -12.13 9.11
C LEU A 146 -2.57 -12.29 7.80
N SER A 147 -2.11 -11.59 6.75
CA SER A 147 -2.76 -11.64 5.45
CA SER A 147 -2.76 -11.64 5.45
C SER A 147 -2.83 -13.08 4.92
N ALA A 148 -1.81 -13.88 5.24
CA ALA A 148 -1.73 -15.27 4.80
C ALA A 148 -2.85 -16.15 5.34
N LEU A 149 -3.43 -15.75 6.47
CA LEU A 149 -4.51 -16.50 7.12
C LEU A 149 -5.88 -16.26 6.48
N HIS A 150 -5.99 -15.20 5.67
CA HIS A 150 -7.23 -14.84 4.99
C HIS A 150 -8.42 -14.68 5.95
N PHE A 151 -8.23 -13.84 6.97
CA PHE A 151 -9.29 -13.56 7.94
C PHE A 151 -10.58 -13.10 7.27
N SER A 152 -11.71 -13.64 7.71
CA SER A 152 -12.99 -13.04 7.41
C SER A 152 -13.19 -11.88 8.36
N GLU A 153 -14.15 -11.01 8.06
CA GLU A 153 -14.45 -9.90 8.94
C GLU A 153 -14.90 -10.37 10.32
N ASP A 154 -15.69 -11.44 10.35
CA ASP A 154 -16.16 -12.02 11.62
C ASP A 154 -15.00 -12.57 12.45
N GLU A 155 -14.01 -13.17 11.79
CA GLU A 155 -12.81 -13.66 12.47
C GLU A 155 -12.00 -12.52 13.07
N ILE A 156 -11.85 -11.42 12.33
CA ILE A 156 -11.20 -10.23 12.86
C ILE A 156 -11.99 -9.69 14.06
N ALA A 157 -13.30 -9.66 13.97
CA ALA A 157 -14.14 -9.24 15.09
C ALA A 157 -13.84 -10.02 16.37
N LEU A 158 -13.84 -11.34 16.25
CA LEU A 158 -13.71 -12.22 17.41
C LEU A 158 -12.29 -12.24 17.94
N TYR A 159 -11.31 -12.27 17.03
CA TYR A 159 -9.91 -12.24 17.41
C TYR A 159 -9.52 -10.92 18.11
N THR A 160 -9.94 -9.79 17.53
CA THR A 160 -9.62 -8.48 18.13
C THR A 160 -10.31 -8.28 19.48
N ALA A 161 -11.50 -8.85 19.66
CA ALA A 161 -12.15 -8.84 20.97
C ALA A 161 -11.27 -9.52 22.03
N LEU A 162 -10.60 -10.60 21.62
CA LEU A 162 -9.69 -11.32 22.51
C LEU A 162 -8.36 -10.63 22.74
N VAL A 163 -7.87 -9.92 21.72
CA VAL A 163 -6.69 -9.07 21.86
C VAL A 163 -6.94 -8.01 22.94
N LEU A 164 -8.14 -7.45 22.92
CA LEU A 164 -8.54 -6.44 23.90
C LEU A 164 -8.81 -7.02 25.29
N ILE A 165 -9.63 -8.07 25.35
CA ILE A 165 -10.02 -8.66 26.65
C ILE A 165 -8.99 -9.70 27.06
N ASN A 166 -7.88 -9.20 27.60
CA ASN A 166 -6.73 -9.99 27.98
C ASN A 166 -6.56 -9.91 29.49
N ALA A 167 -6.89 -11.00 30.17
CA ALA A 167 -6.86 -11.07 31.63
C ALA A 167 -5.45 -11.04 32.23
N HIS A 168 -4.43 -11.16 31.39
CA HIS A 168 -3.05 -11.12 31.85
C HIS A 168 -2.41 -9.72 31.88
N ARG A 169 -3.16 -8.68 31.51
CA ARG A 169 -2.61 -7.32 31.55
C ARG A 169 -2.26 -6.92 32.99
N PRO A 170 -1.03 -6.45 33.22
CA PRO A 170 -0.68 -6.00 34.57
C PRO A 170 -1.53 -4.81 35.01
N GLY A 171 -1.91 -4.80 36.29
CA GLY A 171 -2.63 -3.68 36.88
C GLY A 171 -4.13 -3.81 36.93
N LEU A 172 -4.66 -4.99 36.58
CA LEU A 172 -6.09 -5.23 36.65
C LEU A 172 -6.55 -5.37 38.10
N GLN A 173 -7.70 -4.76 38.41
CA GLN A 173 -8.25 -4.82 39.76
C GLN A 173 -9.21 -5.99 39.94
N GLU A 174 -10.03 -6.23 38.92
CA GLU A 174 -10.99 -7.33 38.93
C GLU A 174 -10.58 -8.38 37.91
N LYS A 175 -9.47 -9.06 38.18
CA LYS A 175 -8.90 -10.02 37.25
C LYS A 175 -9.87 -11.14 36.87
N ARG A 176 -10.56 -11.69 37.88
CA ARG A 176 -11.52 -12.77 37.67
C ARG A 176 -12.67 -12.39 36.75
N LYS A 177 -13.15 -11.15 36.89
CA LYS A 177 -14.20 -10.63 36.01
C LYS A 177 -13.70 -10.62 34.55
N VAL A 178 -12.46 -10.17 34.34
CA VAL A 178 -11.87 -10.14 33.01
C VAL A 178 -11.66 -11.55 32.48
N GLU A 179 -11.25 -12.47 33.37
CA GLU A 179 -11.04 -13.88 33.01
C GLU A 179 -12.31 -14.53 32.49
N GLN A 180 -13.42 -14.24 33.14
CA GLN A 180 -14.71 -14.79 32.72
C GLN A 180 -15.11 -14.27 31.34
N LEU A 181 -14.93 -12.96 31.13
CA LEU A 181 -15.27 -12.35 29.84
C LEU A 181 -14.35 -12.90 28.75
N GLN A 182 -13.05 -12.95 29.04
CA GLN A 182 -12.08 -13.54 28.13
C GLN A 182 -12.48 -14.97 27.76
N TYR A 183 -12.82 -15.78 28.76
CA TYR A 183 -13.20 -17.16 28.49
C TYR A 183 -14.41 -17.29 27.59
N ASN A 184 -15.44 -16.49 27.85
CA ASN A 184 -16.64 -16.54 27.03
C ASN A 184 -16.35 -16.14 25.59
N LEU A 185 -15.50 -15.12 25.43
CA LEU A 185 -15.03 -14.70 24.10
C LEU A 185 -14.21 -15.77 23.39
N GLU A 186 -13.43 -16.54 24.14
CA GLU A 186 -12.71 -17.68 23.58
C GLU A 186 -13.68 -18.76 23.11
N LEU A 187 -14.69 -19.04 23.94
CA LEU A 187 -15.76 -19.98 23.55
C LEU A 187 -16.46 -19.50 22.29
N ALA A 188 -16.73 -18.19 22.21
CA ALA A 188 -17.37 -17.60 21.04
C ALA A 188 -16.48 -17.80 19.81
N PHE A 189 -15.21 -17.43 19.93
CA PHE A 189 -14.26 -17.57 18.83
C PHE A 189 -14.15 -19.02 18.37
N HIS A 190 -13.96 -19.93 19.32
CA HIS A 190 -13.79 -21.35 19.00
C HIS A 190 -15.03 -21.95 18.36
N HIS A 191 -16.21 -21.58 18.88
CA HIS A 191 -17.48 -22.05 18.32
C HIS A 191 -17.63 -21.59 16.88
N HIS A 192 -17.32 -20.32 16.62
CA HIS A 192 -17.48 -19.76 15.28
C HIS A 192 -16.53 -20.47 14.30
N LEU A 193 -15.29 -20.68 14.73
CA LEU A 193 -14.30 -21.36 13.90
C LEU A 193 -14.70 -22.80 13.58
N SER A 194 -15.22 -23.51 14.59
CA SER A 194 -15.62 -24.91 14.40
C SER A 194 -16.73 -25.04 13.36
N LYS A 195 -17.73 -24.15 13.46
CA LYS A 195 -18.86 -24.10 12.54
C LYS A 195 -18.43 -23.87 11.10
N THR A 196 -17.33 -23.14 10.93
CA THR A 196 -16.84 -22.72 9.62
C THR A 196 -15.63 -23.52 9.14
N HIS A 197 -15.29 -24.58 9.88
CA HIS A 197 -14.14 -25.45 9.59
C HIS A 197 -12.81 -24.68 9.58
N ARG A 198 -12.67 -23.74 10.52
CA ARG A 198 -11.52 -22.84 10.55
C ARG A 198 -10.67 -22.90 11.81
N GLN A 199 -10.85 -23.93 12.64
CA GLN A 199 -10.04 -24.06 13.86
C GLN A 199 -8.54 -24.23 13.59
N SER A 200 -8.19 -24.58 12.35
CA SER A 200 -6.79 -24.67 11.94
C SER A 200 -6.02 -23.36 12.11
N ILE A 201 -6.71 -22.22 12.05
CA ILE A 201 -6.01 -20.92 12.15
C ILE A 201 -5.46 -20.63 13.54
N LEU A 202 -5.99 -21.29 14.56
CA LEU A 202 -5.58 -21.01 15.94
C LEU A 202 -4.07 -21.17 16.15
N ALA A 203 -3.51 -22.26 15.63
CA ALA A 203 -2.08 -22.54 15.78
C ALA A 203 -1.21 -21.65 14.88
N LYS A 204 -1.85 -20.93 13.96
CA LYS A 204 -1.15 -20.03 13.03
C LYS A 204 -1.25 -18.56 13.45
N LEU A 205 -1.98 -18.28 14.52
CA LEU A 205 -2.08 -16.92 15.05
C LEU A 205 -0.74 -16.52 15.67
N PRO A 206 -0.37 -15.24 15.60
CA PRO A 206 0.94 -14.84 16.11
C PRO A 206 1.04 -15.01 17.63
N PRO A 207 2.24 -15.38 18.15
CA PRO A 207 2.42 -15.44 19.59
C PRO A 207 2.24 -14.05 20.23
N LYS A 208 1.62 -13.99 21.41
CA LYS A 208 1.30 -12.73 22.09
C LYS A 208 2.52 -11.80 22.25
N GLY A 209 3.70 -12.40 22.38
CA GLY A 209 4.94 -11.65 22.45
C GLY A 209 5.20 -10.81 21.21
N LYS A 210 4.65 -11.22 20.07
CA LYS A 210 4.84 -10.50 18.82
C LYS A 210 4.15 -9.14 18.84
N LEU A 211 2.86 -9.12 19.19
CA LEU A 211 2.13 -7.86 19.31
C LEU A 211 2.71 -6.97 20.41
N ARG A 212 3.06 -7.58 21.54
CA ARG A 212 3.72 -6.86 22.64
C ARG A 212 5.03 -6.21 22.21
N SER A 213 5.80 -6.92 21.38
CA SER A 213 7.07 -6.40 20.89
C SER A 213 6.88 -5.23 19.94
N LEU A 214 5.89 -5.32 19.06
CA LEU A 214 5.60 -4.21 18.15
C LEU A 214 5.17 -2.96 18.92
N CYS A 215 4.33 -3.15 19.94
CA CYS A 215 3.86 -2.03 20.76
C CYS A 215 4.95 -1.38 21.59
N SER A 216 5.81 -2.21 22.20
CA SER A 216 6.94 -1.71 22.96
CA SER A 216 6.93 -1.69 22.97
C SER A 216 7.91 -0.95 22.06
N GLN A 217 8.13 -1.48 20.85
CA GLN A 217 8.99 -0.83 19.87
C GLN A 217 8.42 0.52 19.47
N HIS A 218 7.11 0.59 19.27
CA HIS A 218 6.42 1.85 19.01
C HIS A 218 6.71 2.89 20.11
N VAL A 219 6.50 2.49 21.37
CA VAL A 219 6.75 3.38 22.52
C VAL A 219 8.22 3.84 22.54
N GLU A 220 9.13 2.90 22.31
CA GLU A 220 10.56 3.22 22.30
C GLU A 220 10.96 4.20 21.19
N ARG A 221 10.43 3.99 19.98
CA ARG A 221 10.71 4.90 18.88
C ARG A 221 10.11 6.28 19.11
N LEU A 222 8.91 6.32 19.70
CA LEU A 222 8.30 7.61 20.03
C LEU A 222 9.15 8.36 21.05
N GLN A 223 9.72 7.63 22.01
CA GLN A 223 10.56 8.26 23.03
C GLN A 223 11.76 8.93 22.36
N ILE A 224 12.34 8.24 21.37
CA ILE A 224 13.46 8.77 20.61
C ILE A 224 13.07 10.03 19.84
N PHE A 225 11.93 9.99 19.15
CA PHE A 225 11.44 11.16 18.43
C PHE A 225 11.10 12.33 19.36
N GLN A 226 10.37 12.05 20.43
CA GLN A 226 9.90 13.08 21.36
C GLN A 226 11.04 13.80 22.07
N HIS A 227 12.05 13.04 22.48
CA HIS A 227 13.21 13.63 23.14
C HIS A 227 13.94 14.60 22.21
N LEU A 228 13.99 14.27 20.91
CA LEU A 228 14.62 15.14 19.90
C LEU A 228 13.71 16.28 19.41
N HIS A 229 12.41 16.06 19.40
CA HIS A 229 11.44 17.05 18.90
C HIS A 229 10.30 17.29 19.90
N PRO A 230 10.61 17.76 21.13
CA PRO A 230 9.56 17.84 22.16
C PRO A 230 8.42 18.80 21.83
N ILE A 231 8.75 19.89 21.14
CA ILE A 231 7.77 20.94 20.83
CA ILE A 231 7.78 20.93 20.83
C ILE A 231 6.73 20.43 19.85
N VAL A 232 7.18 19.74 18.80
CA VAL A 232 6.28 19.13 17.79
C VAL A 232 5.20 18.27 18.45
N VAL A 233 5.62 17.40 19.37
CA VAL A 233 4.71 16.50 20.08
C VAL A 233 3.71 17.32 20.90
N GLN A 234 4.21 18.30 21.66
CA GLN A 234 3.35 19.19 22.46
C GLN A 234 2.35 19.98 21.63
N ALA A 235 2.79 20.46 20.47
CA ALA A 235 2.01 21.42 19.69
C ALA A 235 1.08 20.78 18.66
N ALA A 236 1.47 19.65 18.11
CA ALA A 236 0.79 19.14 16.92
C ALA A 236 0.20 17.73 17.05
N PHE A 237 0.79 16.90 17.92
CA PHE A 237 0.32 15.51 18.10
C PHE A 237 -1.03 15.45 18.81
N PRO A 238 -1.90 14.50 18.42
CA PRO A 238 -3.17 14.34 19.15
C PRO A 238 -2.89 14.03 20.63
N PRO A 239 -3.60 14.72 21.56
CA PRO A 239 -3.37 14.49 22.99
C PRO A 239 -3.57 13.03 23.42
N LEU A 240 -4.52 12.33 22.82
CA LEU A 240 -4.75 10.92 23.14
C LEU A 240 -3.54 10.05 22.78
N TYR A 241 -2.89 10.40 21.66
CA TYR A 241 -1.70 9.68 21.23
C TYR A 241 -0.58 9.88 22.25
N LYS A 242 -0.42 11.11 22.73
CA LYS A 242 0.54 11.43 23.78
C LYS A 242 0.22 10.66 25.06
N GLU A 243 -1.05 10.64 25.46
CA GLU A 243 -1.46 9.95 26.68
C GLU A 243 -1.16 8.45 26.64
N LEU A 244 -1.45 7.82 25.50
CA LEU A 244 -1.30 6.37 25.36
C LEU A 244 0.15 5.92 25.26
N PHE A 245 0.99 6.72 24.61
CA PHE A 245 2.30 6.23 24.15
C PHE A 245 3.53 6.95 24.68
N SER A 246 3.38 8.21 25.09
N SER A 246 3.38 8.21 25.09
CA SER A 246 4.50 9.00 25.59
CA SER A 246 4.50 8.99 25.59
C SER A 246 4.94 8.50 26.96
C SER A 246 4.94 8.49 26.96
N THR A 247 6.25 8.45 27.17
CA THR A 247 6.84 8.01 28.44
C THR A 247 6.74 9.12 29.48
N TYR B 3 45.51 21.93 -8.02
CA TYR B 3 45.32 22.47 -9.41
C TYR B 3 46.00 21.55 -10.42
N ALA B 4 45.37 20.43 -10.71
CA ALA B 4 45.93 19.44 -11.63
C ALA B 4 46.15 19.99 -13.05
N SER B 5 47.37 19.83 -13.54
CA SER B 5 47.72 20.26 -14.89
C SER B 5 47.03 19.38 -15.92
N LEU B 6 46.99 19.88 -17.16
CA LEU B 6 46.41 19.12 -18.26
C LEU B 6 47.10 17.77 -18.44
N THR B 7 48.41 17.74 -18.22
CA THR B 7 49.17 16.50 -18.30
C THR B 7 48.77 15.53 -17.19
N GLU B 8 48.58 16.05 -15.97
CA GLU B 8 48.13 15.25 -14.84
C GLU B 8 46.71 14.70 -15.03
N ILE B 9 45.85 15.52 -15.63
CA ILE B 9 44.48 15.10 -15.94
CA ILE B 9 44.47 15.12 -15.96
C ILE B 9 44.49 13.99 -17.00
N GLU B 10 45.30 14.15 -18.04
CA GLU B 10 45.45 13.12 -19.08
C GLU B 10 46.00 11.82 -18.49
N HIS B 11 46.98 11.94 -17.58
CA HIS B 11 47.52 10.80 -16.86
C HIS B 11 46.46 10.13 -16.00
N LEU B 12 45.59 10.95 -15.39
CA LEU B 12 44.51 10.41 -14.58
C LEU B 12 43.52 9.60 -15.41
N VAL B 13 43.19 10.08 -16.62
CA VAL B 13 42.32 9.34 -17.53
C VAL B 13 42.89 7.94 -17.76
N GLN B 14 44.15 7.90 -18.19
CA GLN B 14 44.84 6.65 -18.48
C GLN B 14 44.88 5.73 -17.26
N SER B 15 45.14 6.32 -16.09
CA SER B 15 45.24 5.58 -14.85
C SER B 15 43.90 4.91 -14.46
N VAL B 16 42.83 5.70 -14.49
CA VAL B 16 41.51 5.20 -14.15
C VAL B 16 41.09 4.07 -15.10
N CYS B 17 41.32 4.27 -16.40
CA CYS B 17 41.00 3.26 -17.39
C CYS B 17 41.78 1.96 -17.20
N LYS B 18 43.04 2.07 -16.79
CA LYS B 18 43.87 0.92 -16.48
C LYS B 18 43.35 0.17 -15.26
N SER B 19 43.05 0.91 -14.19
CA SER B 19 42.50 0.35 -12.96
C SER B 19 41.23 -0.44 -13.26
N TYR B 20 40.35 0.14 -14.08
CA TYR B 20 39.13 -0.53 -14.48
C TYR B 20 39.38 -1.80 -15.31
N ARG B 21 40.17 -1.68 -16.37
CA ARG B 21 40.48 -2.83 -17.24
C ARG B 21 40.96 -4.03 -16.44
N GLU B 22 41.78 -3.77 -15.42
CA GLU B 22 42.38 -4.80 -14.58
C GLU B 22 41.43 -5.43 -13.57
N THR B 23 40.26 -4.83 -13.38
CA THR B 23 39.33 -5.27 -12.34
C THR B 23 37.89 -5.37 -12.85
N CYS B 24 37.73 -5.47 -14.16
CA CYS B 24 36.40 -5.42 -14.79
C CYS B 24 35.55 -6.70 -14.62
N GLN B 25 36.14 -7.72 -13.99
CA GLN B 25 35.49 -9.01 -13.66
C GLN B 25 35.33 -9.95 -14.85
N LEU B 26 34.47 -9.59 -15.80
CA LEU B 26 34.36 -10.33 -17.05
C LEU B 26 34.75 -9.43 -18.21
N ARG B 27 35.45 -10.01 -19.20
CA ARG B 27 35.79 -9.29 -20.42
C ARG B 27 34.52 -9.02 -21.21
N LEU B 28 34.41 -7.82 -21.78
CA LEU B 28 33.25 -7.45 -22.57
C LEU B 28 32.98 -8.45 -23.70
N GLU B 29 34.05 -8.90 -24.37
CA GLU B 29 33.97 -9.88 -25.44
C GLU B 29 33.28 -11.17 -25.00
N ASP B 30 33.57 -11.60 -23.77
CA ASP B 30 32.97 -12.82 -23.23
C ASP B 30 31.47 -12.64 -22.98
N LEU B 31 31.07 -11.50 -22.43
CA LEU B 31 29.65 -11.20 -22.24
C LEU B 31 28.90 -11.13 -23.55
N LEU B 32 29.52 -10.54 -24.57
CA LEU B 32 28.90 -10.39 -25.89
C LEU B 32 28.76 -11.72 -26.63
N ARG B 33 29.77 -12.58 -26.52
CA ARG B 33 29.73 -13.92 -27.13
C ARG B 33 28.60 -14.76 -26.54
N GLN B 34 28.32 -14.54 -25.27
CA GLN B 34 27.30 -15.31 -24.56
C GLN B 34 25.85 -14.92 -24.86
N ARG B 35 25.63 -13.84 -25.62
CA ARG B 35 24.28 -13.33 -25.88
C ARG B 35 23.31 -14.33 -26.53
N SER B 36 23.85 -15.28 -27.29
CA SER B 36 23.04 -16.31 -27.94
C SER B 36 22.74 -17.50 -27.01
N ASN B 37 23.25 -17.42 -25.79
CA ASN B 37 23.04 -18.41 -24.73
C ASN B 37 21.92 -17.91 -23.81
N ILE B 38 20.70 -18.38 -24.05
CA ILE B 38 19.50 -17.85 -23.38
C ILE B 38 18.76 -18.95 -22.62
N PHE B 39 18.30 -18.65 -21.40
CA PHE B 39 17.53 -19.62 -20.63
C PHE B 39 16.24 -20.01 -21.37
N SER B 40 15.97 -21.31 -21.41
CA SER B 40 14.76 -21.83 -22.06
C SER B 40 13.54 -21.54 -21.19
N ARG B 41 12.36 -21.73 -21.76
CA ARG B 41 11.12 -21.57 -21.02
C ARG B 41 11.07 -22.51 -19.81
N GLU B 42 11.54 -23.75 -19.99
CA GLU B 42 11.63 -24.72 -18.90
C GLU B 42 12.60 -24.27 -17.80
N GLU B 43 13.73 -23.71 -18.22
CA GLU B 43 14.72 -23.19 -17.27
C GLU B 43 14.20 -21.99 -16.48
N VAL B 44 13.54 -21.06 -17.17
CA VAL B 44 12.89 -19.92 -16.52
C VAL B 44 11.89 -20.42 -15.48
N THR B 45 11.06 -21.38 -15.89
CA THR B 45 10.07 -21.98 -15.00
C THR B 45 10.74 -22.60 -13.76
N GLY B 46 11.86 -23.30 -13.97
CA GLY B 46 12.65 -23.86 -12.88
C GLY B 46 13.07 -22.80 -11.88
N TYR B 47 13.59 -21.68 -12.39
CA TYR B 47 13.99 -20.55 -11.54
C TYR B 47 12.84 -19.96 -10.73
N GLN B 48 11.67 -19.83 -11.36
CA GLN B 48 10.51 -19.22 -10.72
C GLN B 48 9.94 -20.11 -9.62
N ARG B 49 10.19 -21.41 -9.73
CA ARG B 49 9.73 -22.39 -8.73
C ARG B 49 10.71 -22.58 -7.56
N LYS B 50 11.89 -21.97 -7.64
CA LYS B 50 12.85 -22.03 -6.54
C LYS B 50 12.32 -21.30 -5.31
N SER B 51 12.76 -21.72 -4.13
CA SER B 51 12.41 -21.04 -2.90
C SER B 51 12.99 -19.63 -2.87
N MET B 52 12.34 -18.75 -2.10
CA MET B 52 12.84 -17.41 -1.91
C MET B 52 14.25 -17.41 -1.34
N TRP B 53 14.51 -18.25 -0.34
CA TRP B 53 15.83 -18.28 0.28
C TRP B 53 16.92 -18.69 -0.72
N GLU B 54 16.65 -19.66 -1.57
CA GLU B 54 17.66 -20.14 -2.52
C GLU B 54 18.01 -19.07 -3.54
N MET B 55 16.99 -18.40 -4.07
CA MET B 55 17.25 -17.31 -5.02
C MET B 55 17.99 -16.13 -4.39
N TRP B 56 17.60 -15.74 -3.18
CA TRP B 56 18.28 -14.65 -2.49
C TRP B 56 19.73 -15.03 -2.22
N GLU B 57 19.94 -16.28 -1.81
CA GLU B 57 21.29 -16.75 -1.51
C GLU B 57 22.19 -16.73 -2.74
N ARG B 58 21.69 -17.23 -3.86
CA ARG B 58 22.42 -17.19 -5.12
C ARG B 58 22.72 -15.76 -5.52
N CYS B 59 21.70 -14.89 -5.50
CA CYS B 59 21.90 -13.51 -5.88
C CYS B 59 22.92 -12.80 -4.99
N ALA B 60 22.86 -13.07 -3.68
CA ALA B 60 23.80 -12.46 -2.74
C ALA B 60 25.23 -12.89 -3.06
N HIS B 61 25.43 -14.16 -3.40
CA HIS B 61 26.77 -14.63 -3.76
C HIS B 61 27.33 -13.97 -5.02
N HIS B 62 26.50 -13.90 -6.06
CA HIS B 62 26.91 -13.27 -7.31
C HIS B 62 27.17 -11.78 -7.12
N LEU B 63 26.32 -11.10 -6.34
CA LEU B 63 26.52 -9.70 -6.05
CA LEU B 63 26.53 -9.69 -6.06
C LEU B 63 27.84 -9.49 -5.31
N THR B 64 28.12 -10.37 -4.35
CA THR B 64 29.36 -10.27 -3.56
C THR B 64 30.60 -10.45 -4.43
N GLU B 65 30.56 -11.43 -5.33
CA GLU B 65 31.66 -11.63 -6.28
C GLU B 65 31.93 -10.34 -7.07
N ALA B 66 30.89 -9.73 -7.60
CA ALA B 66 31.02 -8.46 -8.32
C ALA B 66 31.59 -7.35 -7.42
N ILE B 67 31.14 -7.31 -6.18
CA ILE B 67 31.62 -6.34 -5.21
C ILE B 67 33.12 -6.52 -4.92
N GLN B 68 33.57 -7.78 -4.87
CA GLN B 68 35.01 -8.04 -4.65
C GLN B 68 35.89 -7.39 -5.70
N TYR B 69 35.44 -7.41 -6.95
CA TYR B 69 36.16 -6.75 -8.04
C TYR B 69 36.13 -5.24 -7.89
N VAL B 70 35.01 -4.70 -7.40
CA VAL B 70 34.90 -3.27 -7.18
C VAL B 70 35.83 -2.82 -6.05
N VAL B 71 35.98 -3.66 -5.01
CA VAL B 71 36.92 -3.37 -3.94
C VAL B 71 38.35 -3.30 -4.50
N GLU B 72 38.70 -4.23 -5.39
CA GLU B 72 40.01 -4.19 -6.02
C GLU B 72 40.18 -2.96 -6.93
N PHE B 73 39.12 -2.56 -7.61
CA PHE B 73 39.11 -1.32 -8.40
C PHE B 73 39.47 -0.11 -7.51
N ALA B 74 38.78 0.00 -6.38
CA ALA B 74 39.04 1.09 -5.43
C ALA B 74 40.51 1.09 -5.00
N LYS B 75 41.02 -0.07 -4.62
CA LYS B 75 42.40 -0.20 -4.12
C LYS B 75 43.45 0.27 -5.13
N ARG B 76 43.12 0.15 -6.41
CA ARG B 76 44.05 0.52 -7.49
C ARG B 76 43.76 1.92 -8.04
N LEU B 77 42.71 2.55 -7.53
CA LEU B 77 42.24 3.82 -8.08
C LEU B 77 43.08 4.96 -7.54
N SER B 78 43.76 5.65 -8.47
CA SER B 78 44.60 6.79 -8.14
C SER B 78 43.89 7.74 -7.18
N GLY B 79 44.48 7.93 -6.01
CA GLY B 79 43.94 8.88 -5.03
C GLY B 79 43.07 8.28 -3.94
N PHE B 80 42.54 7.07 -4.19
CA PHE B 80 41.63 6.45 -3.23
C PHE B 80 42.32 6.05 -1.92
N MET B 81 43.48 5.43 -2.03
CA MET B 81 44.21 4.99 -0.84
C MET B 81 44.91 6.15 -0.11
N GLU B 82 44.95 7.32 -0.76
CA GLU B 82 45.43 8.57 -0.15
C GLU B 82 44.36 9.20 0.76
N LEU B 83 43.12 8.74 0.62
CA LEU B 83 42.05 9.17 1.50
C LEU B 83 42.22 8.49 2.84
N CYS B 84 41.73 9.08 3.92
CA CYS B 84 41.86 8.44 5.23
C CYS B 84 41.08 7.12 5.28
N GLN B 85 41.45 6.26 6.22
CA GLN B 85 40.83 4.93 6.36
C GLN B 85 39.31 4.99 6.48
N ASN B 86 38.79 5.84 7.37
CA ASN B 86 37.35 6.00 7.56
C ASN B 86 36.64 6.32 6.25
N ASP B 87 37.22 7.24 5.49
CA ASP B 87 36.58 7.70 4.25
C ASP B 87 36.62 6.63 3.15
N GLN B 88 37.68 5.86 3.09
CA GLN B 88 37.73 4.68 2.22
C GLN B 88 36.56 3.74 2.50
N ILE B 89 36.30 3.49 3.79
CA ILE B 89 35.20 2.63 4.24
CA ILE B 89 35.20 2.63 4.23
C ILE B 89 33.83 3.24 3.90
N VAL B 90 33.67 4.54 4.18
CA VAL B 90 32.41 5.23 3.92
C VAL B 90 32.06 5.20 2.42
N LEU B 91 33.06 5.45 1.58
CA LEU B 91 32.82 5.48 0.14
C LEU B 91 32.51 4.10 -0.42
N LEU B 92 33.24 3.08 0.04
CA LEU B 92 32.97 1.71 -0.45
C LEU B 92 31.66 1.14 0.07
N LYS B 93 31.35 1.38 1.33
CA LYS B 93 30.11 0.88 1.91
C LYS B 93 28.89 1.44 1.16
N ALA B 94 28.93 2.72 0.79
CA ALA B 94 27.84 3.34 0.08
C ALA B 94 27.89 3.07 -1.42
N GLY B 95 29.10 2.96 -1.96
CA GLY B 95 29.33 2.99 -3.40
C GLY B 95 29.49 1.66 -4.14
N ALA B 96 29.86 0.61 -3.41
CA ALA B 96 30.13 -0.70 -4.00
C ALA B 96 28.94 -1.17 -4.84
N MET B 97 27.75 -1.15 -4.26
CA MET B 97 26.56 -1.61 -4.94
C MET B 97 26.21 -0.72 -6.14
N GLU B 98 26.42 0.58 -5.99
CA GLU B 98 26.17 1.53 -7.08
C GLU B 98 27.07 1.22 -8.27
N VAL B 99 28.35 0.98 -8.00
CA VAL B 99 29.28 0.63 -9.08
C VAL B 99 28.90 -0.68 -9.79
N VAL B 100 28.52 -1.70 -9.01
CA VAL B 100 28.09 -2.98 -9.57
C VAL B 100 26.88 -2.76 -10.50
N LEU B 101 25.91 -1.98 -10.05
CA LEU B 101 24.71 -1.70 -10.86
C LEU B 101 25.02 -0.99 -12.19
N VAL B 102 26.00 -0.09 -12.14
CA VAL B 102 26.44 0.58 -13.36
C VAL B 102 27.17 -0.42 -14.26
N ARG B 103 28.12 -1.16 -13.70
CA ARG B 103 28.86 -2.18 -14.46
C ARG B 103 27.92 -3.19 -15.13
N MET B 104 26.84 -3.51 -14.44
CA MET B 104 25.87 -4.52 -14.88
C MET B 104 25.30 -4.24 -16.28
N CYS B 105 25.31 -2.99 -16.72
CA CYS B 105 24.75 -2.70 -18.04
C CYS B 105 25.53 -3.38 -19.16
N ARG B 106 26.80 -3.71 -18.90
CA ARG B 106 27.59 -4.49 -19.87
C ARG B 106 26.99 -5.87 -20.11
N ALA B 107 26.34 -6.43 -19.09
CA ALA B 107 25.77 -7.77 -19.13
C ALA B 107 24.30 -7.75 -19.49
N TYR B 108 23.83 -6.58 -19.93
CA TYR B 108 22.42 -6.40 -20.29
C TYR B 108 22.30 -6.33 -21.82
N ASN B 109 21.36 -7.10 -22.36
CA ASN B 109 21.10 -7.13 -23.79
C ASN B 109 19.75 -6.45 -24.06
N ALA B 110 19.82 -5.21 -24.57
CA ALA B 110 18.62 -4.40 -24.81
C ALA B 110 17.71 -4.98 -25.89
N ASP B 111 18.26 -5.79 -26.79
CA ASP B 111 17.48 -6.34 -27.90
C ASP B 111 16.39 -7.30 -27.43
N ASN B 112 16.69 -8.09 -26.41
CA ASN B 112 15.74 -9.07 -25.88
C ASN B 112 15.43 -8.88 -24.40
N ARG B 113 15.94 -7.79 -23.84
CA ARG B 113 15.64 -7.37 -22.46
C ARG B 113 16.11 -8.41 -21.44
N THR B 114 17.32 -8.94 -21.65
CA THR B 114 17.87 -9.98 -20.77
C THR B 114 19.16 -9.55 -20.09
N VAL B 115 19.48 -10.22 -18.99
CA VAL B 115 20.76 -10.00 -18.28
C VAL B 115 21.49 -11.32 -18.13
N PHE B 116 22.82 -11.27 -18.15
CA PHE B 116 23.67 -12.45 -17.94
C PHE B 116 23.67 -12.85 -16.46
N PHE B 117 23.21 -14.06 -16.18
CA PHE B 117 23.02 -14.54 -14.81
C PHE B 117 23.22 -16.05 -14.80
N GLU B 118 24.17 -16.52 -13.97
CA GLU B 118 24.41 -17.97 -13.84
C GLU B 118 24.60 -18.66 -15.20
N GLY B 119 25.39 -18.04 -16.06
CA GLY B 119 25.86 -18.69 -17.28
C GLY B 119 25.05 -18.48 -18.54
N LYS B 120 23.85 -17.92 -18.41
CA LYS B 120 22.99 -17.63 -19.57
C LYS B 120 22.27 -16.28 -19.41
N TYR B 121 21.64 -15.84 -20.48
CA TYR B 121 20.81 -14.62 -20.44
C TYR B 121 19.37 -14.93 -20.12
N GLY B 122 18.79 -14.13 -19.22
CA GLY B 122 17.39 -14.28 -18.83
C GLY B 122 16.72 -12.95 -18.54
N GLY B 123 15.40 -12.91 -18.72
CA GLY B 123 14.63 -11.69 -18.48
C GLY B 123 14.27 -11.50 -17.01
N MET B 124 13.62 -10.39 -16.71
CA MET B 124 13.31 -10.04 -15.32
C MET B 124 12.47 -11.08 -14.58
N GLU B 125 11.67 -11.83 -15.34
CA GLU B 125 10.76 -12.83 -14.77
C GLU B 125 11.51 -14.03 -14.16
N LEU B 126 12.79 -14.18 -14.52
CA LEU B 126 13.65 -15.22 -13.95
C LEU B 126 13.81 -15.04 -12.43
N PHE B 127 13.66 -13.80 -11.97
CA PHE B 127 13.94 -13.41 -10.59
C PHE B 127 12.71 -13.33 -9.70
N ARG B 128 11.57 -13.85 -10.19
CA ARG B 128 10.31 -13.72 -9.46
C ARG B 128 10.33 -14.30 -8.04
N ALA B 129 11.08 -15.39 -7.83
CA ALA B 129 11.13 -16.04 -6.50
C ALA B 129 11.68 -15.13 -5.38
N LEU B 130 12.41 -14.07 -5.76
CA LEU B 130 12.91 -13.09 -4.79
C LEU B 130 11.81 -12.37 -4.04
N GLY B 131 10.66 -12.22 -4.68
CA GLY B 131 9.53 -11.51 -4.09
C GLY B 131 9.69 -10.00 -4.05
N CYS B 132 10.47 -9.45 -4.98
CA CYS B 132 10.59 -7.99 -5.15
C CYS B 132 10.58 -7.60 -6.63
N SER B 133 9.51 -8.00 -7.32
CA SER B 133 9.38 -7.82 -8.76
C SER B 133 9.44 -6.37 -9.23
N GLU B 134 8.85 -5.45 -8.48
CA GLU B 134 8.90 -4.03 -8.84
C GLU B 134 10.33 -3.48 -8.80
N LEU B 135 11.09 -3.88 -7.79
CA LEU B 135 12.49 -3.48 -7.70
C LEU B 135 13.32 -4.08 -8.83
N ILE B 136 13.10 -5.36 -9.13
CA ILE B 136 13.80 -6.00 -10.25
C ILE B 136 13.46 -5.28 -11.57
N SER B 137 12.18 -4.98 -11.77
CA SER B 137 11.77 -4.23 -12.95
C SER B 137 12.48 -2.88 -13.02
N SER B 138 12.57 -2.18 -11.89
CA SER B 138 13.28 -0.90 -11.81
C SER B 138 14.75 -1.04 -12.20
N ILE B 139 15.39 -2.11 -11.74
CA ILE B 139 16.77 -2.38 -12.11
C ILE B 139 16.94 -2.66 -13.61
N PHE B 140 16.00 -3.41 -14.18
CA PHE B 140 16.01 -3.64 -15.63
C PHE B 140 15.78 -2.34 -16.42
N ASP B 141 14.87 -1.48 -15.93
CA ASP B 141 14.64 -0.16 -16.55
C ASP B 141 15.92 0.69 -16.49
N PHE B 142 16.61 0.65 -15.36
CA PHE B 142 17.87 1.36 -15.17
C PHE B 142 18.96 0.82 -16.10
N SER B 143 19.10 -0.50 -16.15
CA SER B 143 20.05 -1.15 -17.05
C SER B 143 19.80 -0.77 -18.51
N HIS B 144 18.52 -0.77 -18.90
CA HIS B 144 18.12 -0.36 -20.24
C HIS B 144 18.54 1.08 -20.55
N SER B 145 18.29 1.98 -19.59
CA SER B 145 18.62 3.40 -19.74
C SER B 145 20.12 3.60 -19.92
N LEU B 146 20.94 2.82 -19.22
CA LEU B 146 22.39 2.90 -19.38
C LEU B 146 22.90 2.32 -20.70
N SER B 147 22.34 1.16 -21.08
CA SER B 147 22.71 0.50 -22.33
CA SER B 147 22.72 0.50 -22.34
C SER B 147 22.46 1.40 -23.55
N ALA B 148 21.42 2.21 -23.47
CA ALA B 148 21.05 3.13 -24.56
C ALA B 148 22.12 4.20 -24.83
N LEU B 149 22.98 4.46 -23.84
CA LEU B 149 24.07 5.42 -23.97
C LEU B 149 25.26 4.86 -24.75
N HIS B 150 25.29 3.53 -24.91
CA HIS B 150 26.41 2.82 -25.56
C HIS B 150 27.79 3.17 -24.99
N PHE B 151 27.91 3.09 -23.67
CA PHE B 151 29.18 3.33 -22.99
C PHE B 151 30.30 2.52 -23.62
N SER B 152 31.43 3.17 -23.86
CA SER B 152 32.67 2.46 -24.09
C SER B 152 33.17 1.98 -22.74
N GLU B 153 34.13 1.08 -22.74
CA GLU B 153 34.72 0.58 -21.50
C GLU B 153 35.45 1.69 -20.74
N ASP B 154 36.10 2.59 -21.48
CA ASP B 154 36.75 3.76 -20.88
C ASP B 154 35.75 4.68 -20.19
N GLU B 155 34.59 4.88 -20.82
CA GLU B 155 33.52 5.68 -20.22
C GLU B 155 33.00 5.04 -18.93
N ILE B 156 32.85 3.71 -18.93
CA ILE B 156 32.43 3.00 -17.71
C ILE B 156 33.48 3.18 -16.62
N ALA B 157 34.76 3.08 -16.99
CA ALA B 157 35.85 3.30 -16.05
C ALA B 157 35.75 4.66 -15.38
N LEU B 158 35.60 5.70 -16.18
CA LEU B 158 35.61 7.09 -15.68
C LEU B 158 34.34 7.40 -14.90
N TYR B 159 33.21 6.93 -15.41
CA TYR B 159 31.94 7.19 -14.73
C TYR B 159 31.85 6.44 -13.39
N THR B 160 32.29 5.17 -13.36
CA THR B 160 32.25 4.42 -12.10
C THR B 160 33.25 4.96 -11.07
N ALA B 161 34.36 5.54 -11.53
CA ALA B 161 35.27 6.21 -10.61
C ALA B 161 34.52 7.32 -9.85
N LEU B 162 33.70 8.07 -10.58
CA LEU B 162 32.90 9.17 -9.99
C LEU B 162 31.77 8.66 -9.11
N VAL B 163 31.17 7.53 -9.49
CA VAL B 163 30.12 6.92 -8.69
C VAL B 163 30.68 6.57 -7.31
N LEU B 164 31.90 6.03 -7.29
CA LEU B 164 32.60 5.71 -6.06
C LEU B 164 33.10 6.96 -5.30
N ILE B 165 33.77 7.87 -6.01
CA ILE B 165 34.33 9.06 -5.35
C ILE B 165 33.28 10.17 -5.34
N ASN B 166 32.35 10.02 -4.39
CA ASN B 166 31.20 10.91 -4.27
C ASN B 166 31.30 11.63 -2.94
N ALA B 167 31.67 12.91 -2.99
CA ALA B 167 31.90 13.69 -1.77
C ALA B 167 30.63 14.00 -0.97
N HIS B 168 29.47 13.60 -1.51
CA HIS B 168 28.18 13.79 -0.81
C HIS B 168 27.83 12.71 0.21
N ARG B 169 28.56 11.60 0.22
CA ARG B 169 28.27 10.53 1.19
C ARG B 169 28.32 11.06 2.62
N PRO B 170 27.26 10.81 3.40
CA PRO B 170 27.31 11.21 4.80
C PRO B 170 28.38 10.43 5.55
N GLY B 171 29.06 11.09 6.47
CA GLY B 171 30.00 10.42 7.35
C GLY B 171 31.46 10.61 7.00
N LEU B 172 31.75 11.39 5.96
CA LEU B 172 33.14 11.65 5.60
C LEU B 172 33.82 12.53 6.65
N GLN B 173 35.04 12.14 7.01
CA GLN B 173 35.83 12.89 7.99
C GLN B 173 36.75 13.92 7.34
N GLU B 174 37.10 13.68 6.08
CA GLU B 174 37.88 14.65 5.31
C GLU B 174 37.16 14.98 4.03
N LYS B 175 35.96 15.53 4.16
CA LYS B 175 35.10 15.86 3.01
C LYS B 175 35.85 16.62 1.91
N ARG B 176 36.64 17.63 2.30
CA ARG B 176 37.29 18.49 1.31
C ARG B 176 38.29 17.72 0.47
N LYS B 177 38.94 16.71 1.06
CA LYS B 177 39.89 15.88 0.34
CA LYS B 177 39.88 15.85 0.36
C LYS B 177 39.18 15.01 -0.70
N VAL B 178 37.99 14.50 -0.34
CA VAL B 178 37.18 13.73 -1.29
C VAL B 178 36.69 14.66 -2.40
N GLU B 179 36.33 15.89 -2.04
CA GLU B 179 35.87 16.87 -3.03
C GLU B 179 36.94 17.19 -4.06
N GLN B 180 38.19 17.30 -3.63
CA GLN B 180 39.29 17.57 -4.56
C GLN B 180 39.49 16.42 -5.53
N LEU B 181 39.48 15.20 -5.01
CA LEU B 181 39.63 14.02 -5.85
C LEU B 181 38.46 13.89 -6.82
N GLN B 182 37.25 14.09 -6.32
CA GLN B 182 36.05 14.07 -7.16
C GLN B 182 36.19 15.06 -8.32
N TYR B 183 36.60 16.28 -8.01
CA TYR B 183 36.76 17.30 -9.05
C TYR B 183 37.77 16.88 -10.12
N ASN B 184 38.90 16.35 -9.67
CA ASN B 184 39.93 15.91 -10.61
C ASN B 184 39.43 14.79 -11.53
N LEU B 185 38.64 13.87 -10.94
CA LEU B 185 38.02 12.81 -11.73
C LEU B 185 36.97 13.35 -12.69
N GLU B 186 36.26 14.41 -12.28
CA GLU B 186 35.31 15.09 -13.14
C GLU B 186 36.01 15.72 -14.34
N LEU B 187 37.15 16.36 -14.09
CA LEU B 187 37.98 16.91 -15.16
C LEU B 187 38.47 15.82 -16.10
N ALA B 188 38.90 14.69 -15.54
CA ALA B 188 39.37 13.55 -16.34
C ALA B 188 38.26 13.04 -17.26
N PHE B 189 37.10 12.78 -16.67
CA PHE B 189 35.91 12.36 -17.38
C PHE B 189 35.53 13.35 -18.50
N HIS B 190 35.41 14.63 -18.16
CA HIS B 190 35.03 15.65 -19.14
C HIS B 190 36.05 15.82 -20.27
N HIS B 191 37.33 15.76 -19.93
CA HIS B 191 38.39 15.85 -20.95
C HIS B 191 38.29 14.70 -21.93
N HIS B 192 38.13 13.49 -21.42
CA HIS B 192 38.01 12.31 -22.27
C HIS B 192 36.78 12.39 -23.16
N LEU B 193 35.66 12.84 -22.58
CA LEU B 193 34.43 13.02 -23.34
C LEU B 193 34.56 14.06 -24.46
N SER B 194 35.25 15.17 -24.18
CA SER B 194 35.48 16.22 -25.18
CA SER B 194 35.48 16.21 -25.19
C SER B 194 36.32 15.70 -26.36
N LYS B 195 37.35 14.92 -26.04
CA LYS B 195 38.25 14.32 -27.03
C LYS B 195 37.51 13.40 -27.99
N THR B 196 36.49 12.73 -27.46
CA THR B 196 35.77 11.71 -28.19
C THR B 196 34.41 12.20 -28.70
N HIS B 197 34.18 13.51 -28.61
CA HIS B 197 32.89 14.15 -28.94
C HIS B 197 31.69 13.47 -28.23
N ARG B 198 31.82 13.25 -26.93
CA ARG B 198 30.82 12.52 -26.17
C ARG B 198 30.26 13.27 -24.95
N GLN B 199 30.53 14.57 -24.85
CA GLN B 199 30.03 15.35 -23.72
C GLN B 199 28.50 15.40 -23.65
N SER B 200 27.84 15.09 -24.77
CA SER B 200 26.38 15.00 -24.85
C SER B 200 25.78 13.95 -23.92
N ILE B 201 26.58 12.97 -23.50
CA ILE B 201 26.07 11.93 -22.60
C ILE B 201 25.83 12.44 -21.18
N LEU B 202 26.49 13.54 -20.81
CA LEU B 202 26.40 14.05 -19.45
C LEU B 202 24.97 14.33 -18.98
N ALA B 203 24.19 14.96 -19.85
CA ALA B 203 22.81 15.31 -19.53
C ALA B 203 21.88 14.10 -19.60
N LYS B 204 22.40 12.97 -20.09
CA LYS B 204 21.62 11.75 -20.22
C LYS B 204 21.93 10.73 -19.12
N LEU B 205 22.89 11.04 -18.27
CA LEU B 205 23.26 10.14 -17.18
C LEU B 205 22.15 10.06 -16.13
N PRO B 206 22.08 8.95 -15.37
CA PRO B 206 21.05 8.80 -14.35
C PRO B 206 20.94 10.03 -13.48
N PRO B 207 19.70 10.49 -13.22
CA PRO B 207 19.50 11.66 -12.38
C PRO B 207 20.00 11.41 -10.97
N LYS B 208 20.34 12.50 -10.29
CA LYS B 208 20.78 12.44 -8.90
C LYS B 208 19.76 11.69 -8.04
N GLY B 209 20.27 10.76 -7.24
CA GLY B 209 19.44 10.03 -6.30
C GLY B 209 18.90 8.71 -6.81
N LYS B 210 19.04 8.46 -8.12
CA LYS B 210 18.51 7.23 -8.71
C LYS B 210 19.26 5.98 -8.23
N LEU B 211 20.59 5.99 -8.35
CA LEU B 211 21.41 4.91 -7.83
C LEU B 211 21.18 4.70 -6.34
N ARG B 212 21.20 5.80 -5.58
CA ARG B 212 20.98 5.76 -4.14
C ARG B 212 19.64 5.11 -3.81
N SER B 213 18.61 5.45 -4.57
CA SER B 213 17.27 4.91 -4.39
C SER B 213 17.22 3.39 -4.58
N LEU B 214 17.87 2.90 -5.64
CA LEU B 214 17.92 1.46 -5.88
C LEU B 214 18.63 0.73 -4.74
N CYS B 215 19.72 1.33 -4.25
CA CYS B 215 20.49 0.75 -3.16
C CYS B 215 19.76 0.77 -1.82
N SER B 216 19.03 1.86 -1.57
CA SER B 216 18.20 1.97 -0.37
C SER B 216 17.10 0.92 -0.38
N GLN B 217 16.51 0.67 -1.54
CA GLN B 217 15.47 -0.36 -1.67
C GLN B 217 16.03 -1.76 -1.46
N HIS B 218 17.23 -2.02 -1.99
CA HIS B 218 17.91 -3.29 -1.76
C HIS B 218 17.98 -3.59 -0.27
N VAL B 219 18.47 -2.62 0.49
CA VAL B 219 18.63 -2.77 1.94
C VAL B 219 17.30 -3.03 2.65
N GLU B 220 16.25 -2.33 2.23
CA GLU B 220 14.91 -2.54 2.78
C GLU B 220 14.35 -3.92 2.46
N ARG B 221 14.53 -4.37 1.21
CA ARG B 221 14.06 -5.70 0.80
C ARG B 221 14.78 -6.78 1.59
N LEU B 222 16.08 -6.58 1.85
CA LEU B 222 16.85 -7.50 2.68
C LEU B 222 16.29 -7.56 4.12
N GLN B 223 15.88 -6.42 4.65
CA GLN B 223 15.22 -6.37 5.95
C GLN B 223 13.95 -7.24 5.98
N ILE B 224 13.15 -7.13 4.93
CA ILE B 224 11.94 -7.93 4.78
C ILE B 224 12.28 -9.41 4.73
N PHE B 225 13.24 -9.76 3.86
CA PHE B 225 13.71 -11.13 3.72
C PHE B 225 14.19 -11.70 5.05
N GLN B 226 14.95 -10.87 5.78
CA GLN B 226 15.52 -11.19 7.09
C GLN B 226 14.47 -11.59 8.12
N HIS B 227 13.31 -10.93 8.10
CA HIS B 227 12.19 -11.30 8.98
C HIS B 227 11.61 -12.65 8.62
N LEU B 228 11.53 -12.93 7.32
CA LEU B 228 10.94 -14.17 6.81
C LEU B 228 11.85 -15.36 7.06
N HIS B 229 13.15 -15.15 6.82
CA HIS B 229 14.15 -16.21 6.92
C HIS B 229 15.33 -15.74 7.76
N PRO B 230 15.17 -15.75 9.10
CA PRO B 230 16.10 -15.11 10.04
C PRO B 230 17.41 -15.84 10.33
N ILE B 231 17.60 -17.04 9.79
CA ILE B 231 18.81 -17.82 10.05
C ILE B 231 19.73 -17.89 8.83
N VAL B 232 19.12 -17.93 7.64
CA VAL B 232 19.85 -18.20 6.40
C VAL B 232 20.98 -17.19 6.09
N VAL B 233 20.78 -15.90 6.39
CA VAL B 233 21.83 -14.90 6.11
C VAL B 233 23.07 -15.17 6.97
N GLN B 234 22.81 -15.43 8.25
CA GLN B 234 23.82 -15.83 9.22
C GLN B 234 24.58 -17.05 8.76
N ALA B 235 23.82 -18.00 8.20
CA ALA B 235 24.33 -19.35 7.96
C ALA B 235 25.04 -19.52 6.62
N ALA B 236 24.49 -18.90 5.57
CA ALA B 236 24.93 -19.23 4.21
C ALA B 236 25.21 -18.05 3.26
N PHE B 237 24.83 -16.84 3.63
CA PHE B 237 25.15 -15.66 2.82
C PHE B 237 26.63 -15.29 2.96
N PRO B 238 27.20 -14.60 1.95
CA PRO B 238 28.60 -14.17 2.10
C PRO B 238 28.69 -13.17 3.25
N PRO B 239 29.68 -13.34 4.15
CA PRO B 239 29.77 -12.42 5.27
C PRO B 239 29.94 -10.94 4.86
N LEU B 240 30.65 -10.68 3.77
CA LEU B 240 30.78 -9.29 3.29
C LEU B 240 29.42 -8.71 2.89
N TYR B 241 28.56 -9.53 2.31
CA TYR B 241 27.21 -9.11 1.95
C TYR B 241 26.42 -8.69 3.19
N LYS B 242 26.47 -9.51 4.24
CA LYS B 242 25.81 -9.19 5.50
C LYS B 242 26.36 -7.87 6.09
N GLU B 243 27.68 -7.72 6.12
CA GLU B 243 28.31 -6.52 6.65
C GLU B 243 27.87 -5.24 5.92
N LEU B 244 27.79 -5.34 4.59
CA LEU B 244 27.48 -4.17 3.77
C LEU B 244 26.00 -3.79 3.82
N PHE B 245 25.12 -4.78 3.92
CA PHE B 245 23.69 -4.55 3.61
C PHE B 245 22.68 -4.89 4.69
N SER B 246 23.06 -5.79 5.61
CA SER B 246 22.17 -6.21 6.69
CA SER B 246 22.16 -6.21 6.68
C SER B 246 22.03 -5.11 7.72
N THR B 247 20.85 -5.01 8.32
CA THR B 247 20.58 -4.04 9.38
C THR B 247 20.41 -4.78 10.70
N TYR C 3 13.41 55.72 8.29
CA TYR C 3 13.10 56.15 6.89
C TYR C 3 13.84 55.28 5.89
N ALA C 4 13.26 54.13 5.55
CA ALA C 4 13.93 53.14 4.71
C ALA C 4 14.28 53.64 3.30
N SER C 5 15.55 53.50 2.93
CA SER C 5 16.02 53.88 1.60
C SER C 5 15.45 52.97 0.53
N LEU C 6 15.51 53.41 -0.74
CA LEU C 6 15.09 52.59 -1.86
C LEU C 6 15.84 51.26 -1.87
N THR C 7 17.14 51.32 -1.58
CA THR C 7 17.96 50.13 -1.44
C THR C 7 17.42 49.18 -0.36
N GLU C 8 17.06 49.74 0.79
CA GLU C 8 16.53 48.93 1.89
CA GLU C 8 16.51 48.94 1.90
C GLU C 8 15.18 48.32 1.52
N ILE C 9 14.34 49.10 0.84
CA ILE C 9 13.03 48.62 0.38
CA ILE C 9 13.03 48.63 0.37
C ILE C 9 13.19 47.46 -0.62
N GLU C 10 14.10 47.63 -1.59
CA GLU C 10 14.39 46.56 -2.54
C GLU C 10 14.89 45.29 -1.84
N HIS C 11 15.77 45.46 -0.86
CA HIS C 11 16.27 44.34 -0.06
C HIS C 11 15.14 43.66 0.71
N LEU C 12 14.19 44.47 1.20
CA LEU C 12 13.03 43.95 1.91
C LEU C 12 12.16 43.08 0.99
N VAL C 13 11.90 43.56 -0.24
CA VAL C 13 11.19 42.77 -1.25
C VAL C 13 11.85 41.39 -1.39
N GLN C 14 13.17 41.39 -1.55
CA GLN C 14 13.92 40.15 -1.77
C GLN C 14 13.85 39.22 -0.58
N SER C 15 13.97 39.78 0.61
CA SER C 15 13.94 39.04 1.87
CA SER C 15 13.96 39.00 1.84
C SER C 15 12.58 38.40 2.08
N VAL C 16 11.52 39.18 1.85
CA VAL C 16 10.15 38.69 2.03
C VAL C 16 9.85 37.56 1.06
N CYS C 17 10.24 37.75 -0.20
CA CYS C 17 10.03 36.72 -1.22
C CYS C 17 10.82 35.45 -0.92
N LYS C 18 12.02 35.61 -0.35
CA LYS C 18 12.83 34.46 0.08
C LYS C 18 12.17 33.69 1.23
N SER C 19 11.74 34.41 2.26
CA SER C 19 11.08 33.80 3.42
C SER C 19 9.86 33.01 3.00
N TYR C 20 9.11 33.57 2.05
CA TYR C 20 7.91 32.91 1.53
C TYR C 20 8.25 31.64 0.76
N ARG C 21 9.20 31.74 -0.18
CA ARG C 21 9.59 30.60 -1.02
C ARG C 21 10.00 29.42 -0.13
N GLU C 22 10.69 29.74 0.96
CA GLU C 22 11.23 28.72 1.84
C GLU C 22 10.19 28.06 2.74
N THR C 23 8.99 28.64 2.81
CA THR C 23 7.97 28.19 3.74
C THR C 23 6.59 28.07 3.09
N CYS C 24 6.56 28.00 1.76
CA CYS C 24 5.28 28.04 1.02
C CYS C 24 4.47 26.74 1.09
N GLN C 25 5.03 25.73 1.75
CA GLN C 25 4.38 24.43 2.01
C GLN C 25 4.37 23.49 0.80
N LEU C 26 3.53 23.78 -0.19
CA LEU C 26 3.56 23.04 -1.45
C LEU C 26 4.01 23.95 -2.57
N ARG C 27 4.79 23.41 -3.49
CA ARG C 27 5.18 24.16 -4.68
C ARG C 27 3.98 24.37 -5.61
N LEU C 28 3.88 25.59 -6.14
CA LEU C 28 2.75 25.97 -6.99
C LEU C 28 2.59 25.03 -8.18
N GLU C 29 3.70 24.73 -8.86
CA GLU C 29 3.69 23.84 -10.02
C GLU C 29 3.10 22.47 -9.70
N ASP C 30 3.33 21.97 -8.49
CA ASP C 30 2.76 20.70 -8.06
C ASP C 30 1.25 20.79 -7.87
N LEU C 31 0.78 21.89 -7.27
CA LEU C 31 -0.66 22.13 -7.15
C LEU C 31 -1.34 22.21 -8.52
N LEU C 32 -0.70 22.92 -9.44
CA LEU C 32 -1.22 23.06 -10.80
C LEU C 32 -1.21 21.74 -11.59
N ARG C 33 -0.14 20.95 -11.47
CA ARG C 33 -0.05 19.64 -12.12
C ARG C 33 -1.16 18.69 -11.67
N GLN C 34 -1.60 18.84 -10.42
CA GLN C 34 -2.60 17.97 -9.82
C GLN C 34 -4.04 18.35 -10.18
N ARG C 35 -4.23 19.43 -10.93
CA ARG C 35 -5.57 19.92 -11.29
C ARG C 35 -6.45 18.91 -12.03
N SER C 36 -5.83 18.01 -12.77
CA SER C 36 -6.52 16.95 -13.50
CA SER C 36 -6.56 16.96 -13.49
C SER C 36 -6.99 15.81 -12.60
N ASN C 37 -6.44 15.77 -11.38
CA ASN C 37 -6.81 14.75 -10.41
CA ASN C 37 -6.81 14.75 -10.40
C ASN C 37 -7.96 15.22 -9.51
N ILE C 38 -9.17 14.84 -9.90
CA ILE C 38 -10.39 15.30 -9.24
C ILE C 38 -11.13 14.13 -8.62
N PHE C 39 -11.65 14.34 -7.40
CA PHE C 39 -12.46 13.33 -6.74
C PHE C 39 -13.66 12.96 -7.61
N SER C 40 -13.89 11.66 -7.74
CA SER C 40 -15.03 11.14 -8.49
C SER C 40 -16.30 11.30 -7.67
N ARG C 41 -17.45 11.13 -8.31
CA ARG C 41 -18.74 11.22 -7.64
C ARG C 41 -18.83 10.27 -6.44
N GLU C 42 -18.27 9.06 -6.60
CA GLU C 42 -18.24 8.04 -5.56
CA GLU C 42 -18.27 8.06 -5.55
C GLU C 42 -17.38 8.48 -4.37
N GLU C 43 -16.25 9.11 -4.70
CA GLU C 43 -15.33 9.60 -3.68
C GLU C 43 -15.93 10.76 -2.89
N VAL C 44 -16.61 11.67 -3.59
CA VAL C 44 -17.33 12.77 -2.96
C VAL C 44 -18.37 12.22 -1.99
N THR C 45 -19.16 11.25 -2.44
CA THR C 45 -20.18 10.62 -1.60
C THR C 45 -19.55 10.01 -0.34
N GLY C 46 -18.40 9.36 -0.49
CA GLY C 46 -17.63 8.84 0.64
C GLY C 46 -17.31 9.87 1.71
N TYR C 47 -16.86 11.05 1.29
CA TYR C 47 -16.55 12.12 2.25
C TYR C 47 -17.81 12.65 2.91
N GLN C 48 -18.86 12.82 2.11
CA GLN C 48 -20.14 13.34 2.58
C GLN C 48 -20.78 12.42 3.62
N ARG C 49 -20.43 11.14 3.56
CA ARG C 49 -20.99 10.16 4.49
C ARG C 49 -20.11 9.90 5.72
N LYS C 50 -18.97 10.58 5.81
CA LYS C 50 -18.15 10.55 7.01
C LYS C 50 -18.86 11.23 8.17
N SER C 51 -18.50 10.82 9.38
CA SER C 51 -19.06 11.43 10.57
C SER C 51 -18.56 12.86 10.68
N MET C 52 -19.36 13.70 11.34
CA MET C 52 -18.96 15.09 11.56
C MET C 52 -17.63 15.18 12.30
N TRP C 53 -17.46 14.36 13.34
CA TRP C 53 -16.25 14.42 14.15
C TRP C 53 -15.01 14.06 13.34
N GLU C 54 -15.12 13.03 12.48
CA GLU C 54 -13.95 12.59 11.74
C GLU C 54 -13.54 13.63 10.69
N MET C 55 -14.52 14.23 10.02
CA MET C 55 -14.22 15.26 9.04
C MET C 55 -13.61 16.49 9.70
N TRP C 56 -14.16 16.91 10.84
CA TRP C 56 -13.59 18.04 11.59
C TRP C 56 -12.16 17.76 12.04
N GLU C 57 -11.92 16.54 12.52
CA GLU C 57 -10.59 16.13 12.93
C GLU C 57 -9.59 16.20 11.77
N ARG C 58 -9.98 15.70 10.61
CA ARG C 58 -9.12 15.74 9.42
C ARG C 58 -8.80 17.17 9.03
N CYS C 59 -9.85 17.98 8.93
CA CYS C 59 -9.69 19.39 8.57
C CYS C 59 -8.84 20.16 9.56
N ALA C 60 -9.02 19.90 10.86
CA ALA C 60 -8.24 20.60 11.88
C ALA C 60 -6.75 20.25 11.78
N HIS C 61 -6.46 18.98 11.51
CA HIS C 61 -5.09 18.51 11.27
CA HIS C 61 -5.08 18.57 11.30
C HIS C 61 -4.46 19.23 10.08
N HIS C 62 -5.18 19.24 8.94
CA HIS C 62 -4.64 19.86 7.73
C HIS C 62 -4.44 21.36 7.89
N LEU C 63 -5.40 22.02 8.55
CA LEU C 63 -5.29 23.45 8.81
CA LEU C 63 -5.29 23.45 8.82
C LEU C 63 -4.07 23.72 9.69
N THR C 64 -3.86 22.87 10.69
CA THR C 64 -2.74 23.04 11.63
C THR C 64 -1.41 22.86 10.91
N GLU C 65 -1.34 21.88 10.03
CA GLU C 65 -0.14 21.71 9.19
C GLU C 65 0.17 23.00 8.39
N ALA C 66 -0.85 23.58 7.75
CA ALA C 66 -0.65 24.82 7.02
C ALA C 66 -0.23 25.95 7.95
N ILE C 67 -0.81 25.99 9.14
CA ILE C 67 -0.47 26.99 10.14
C ILE C 67 0.99 26.89 10.58
N GLN C 68 1.49 25.67 10.71
CA GLN C 68 2.89 25.46 11.06
C GLN C 68 3.87 26.07 10.05
N TYR C 69 3.53 26.03 8.77
CA TYR C 69 4.34 26.68 7.74
C TYR C 69 4.27 28.21 7.83
N VAL C 70 3.11 28.73 8.23
CA VAL C 70 2.95 30.16 8.45
C VAL C 70 3.78 30.64 9.65
N VAL C 71 3.84 29.83 10.70
CA VAL C 71 4.69 30.13 11.85
C VAL C 71 6.15 30.22 11.39
N GLU C 72 6.57 29.27 10.56
CA GLU C 72 7.93 29.28 10.02
C GLU C 72 8.18 30.52 9.15
N PHE C 73 7.20 30.90 8.33
CA PHE C 73 7.25 32.13 7.55
C PHE C 73 7.52 33.34 8.46
N ALA C 74 6.73 33.47 9.54
CA ALA C 74 6.90 34.58 10.49
C ALA C 74 8.32 34.62 11.07
N LYS C 75 8.81 33.46 11.49
CA LYS C 75 10.13 33.33 12.10
C LYS C 75 11.25 33.79 11.18
N ARG C 76 11.03 33.67 9.87
CA ARG C 76 12.03 34.03 8.86
C ARG C 76 11.88 35.47 8.34
N LEU C 77 10.79 36.13 8.71
CA LEU C 77 10.54 37.51 8.34
C LEU C 77 11.33 38.39 9.32
N SER C 78 12.48 38.94 8.90
CA SER C 78 13.44 39.52 9.87
C SER C 78 12.87 40.63 10.76
N GLY C 79 12.01 41.48 10.20
CA GLY C 79 11.30 42.49 10.99
C GLY C 79 10.41 41.89 12.07
N PHE C 80 9.83 40.73 11.80
CA PHE C 80 8.90 40.08 12.75
C PHE C 80 9.60 39.71 14.06
N MET C 81 10.79 39.12 13.96
CA MET C 81 11.52 38.72 15.15
C MET C 81 12.11 39.91 15.91
N GLU C 82 12.12 41.08 15.27
CA GLU C 82 12.51 42.35 15.91
C GLU C 82 11.44 42.87 16.85
N LEU C 83 10.20 42.44 16.64
CA LEU C 83 9.11 42.87 17.52
C LEU C 83 9.26 42.18 18.86
N CYS C 84 8.64 42.75 19.89
CA CYS C 84 8.68 42.16 21.22
C CYS C 84 7.89 40.85 21.25
N GLN C 85 8.16 40.04 22.27
CA GLN C 85 7.58 38.70 22.34
C GLN C 85 6.05 38.71 22.36
N ASN C 86 5.46 39.61 23.13
CA ASN C 86 4.00 39.70 23.18
C ASN C 86 3.44 39.98 21.80
N ASP C 87 4.06 40.91 21.08
CA ASP C 87 3.52 41.36 19.80
C ASP C 87 3.64 40.28 18.72
N GLN C 88 4.72 39.52 18.75
CA GLN C 88 4.83 38.35 17.89
C GLN C 88 3.64 37.40 18.07
N ILE C 89 3.30 37.13 19.34
CA ILE C 89 2.21 36.23 19.66
CA ILE C 89 2.20 36.24 19.69
C ILE C 89 0.86 36.82 19.23
N VAL C 90 0.63 38.09 19.54
CA VAL C 90 -0.61 38.76 19.14
C VAL C 90 -0.79 38.68 17.64
N LEU C 91 0.27 38.99 16.89
CA LEU C 91 0.19 39.00 15.43
C LEU C 91 -0.05 37.61 14.85
N LEU C 92 0.66 36.61 15.37
CA LEU C 92 0.47 35.24 14.88
C LEU C 92 -0.86 34.65 15.28
N LYS C 93 -1.30 34.87 16.53
CA LYS C 93 -2.58 34.34 16.98
CA LYS C 93 -2.58 34.34 16.98
C LYS C 93 -3.73 34.86 16.11
N ALA C 94 -3.67 36.14 15.74
CA ALA C 94 -4.73 36.75 14.93
C ALA C 94 -4.54 36.51 13.44
N GLY C 95 -3.28 36.43 13.03
CA GLY C 95 -2.92 36.43 11.62
C GLY C 95 -2.73 35.08 10.95
N ALA C 96 -2.45 34.03 11.73
CA ALA C 96 -2.12 32.71 11.16
C ALA C 96 -3.21 32.20 10.23
N MET C 97 -4.46 32.24 10.70
CA MET C 97 -5.57 31.75 9.90
C MET C 97 -5.80 32.64 8.67
N GLU C 98 -5.62 33.95 8.83
CA GLU C 98 -5.77 34.87 7.70
C GLU C 98 -4.75 34.55 6.60
N VAL C 99 -3.52 34.27 7.00
CA VAL C 99 -2.46 33.96 6.04
C VAL C 99 -2.76 32.63 5.32
N VAL C 100 -3.20 31.64 6.08
CA VAL C 100 -3.61 30.35 5.50
C VAL C 100 -4.74 30.53 4.49
N LEU C 101 -5.74 31.33 4.84
CA LEU C 101 -6.87 31.57 3.92
C LEU C 101 -6.43 32.21 2.62
N VAL C 102 -5.48 33.14 2.68
CA VAL C 102 -4.93 33.76 1.48
C VAL C 102 -4.09 32.75 0.68
N ARG C 103 -3.17 32.04 1.36
CA ARG C 103 -2.33 31.03 0.69
C ARG C 103 -3.16 29.98 -0.03
N MET C 104 -4.32 29.66 0.55
CA MET C 104 -5.19 28.62 0.04
C MET C 104 -5.67 28.85 -1.41
N CYS C 105 -5.68 30.10 -1.86
CA CYS C 105 -6.13 30.38 -3.23
C CYS C 105 -5.23 29.69 -4.26
N ARG C 106 -3.99 29.40 -3.87
CA ARG C 106 -3.04 28.67 -4.73
C ARG C 106 -3.56 27.25 -5.04
N ALA C 107 -4.34 26.72 -4.12
CA ALA C 107 -4.87 25.36 -4.21
C ALA C 107 -6.30 25.34 -4.74
N TYR C 108 -6.76 26.50 -5.24
CA TYR C 108 -8.11 26.62 -5.76
C TYR C 108 -8.10 26.69 -7.28
N ASN C 109 -8.97 25.90 -7.90
CA ASN C 109 -9.15 25.92 -9.35
C ASN C 109 -10.47 26.61 -9.69
N ALA C 110 -10.40 27.83 -10.21
CA ALA C 110 -11.58 28.63 -10.55
C ALA C 110 -12.38 28.05 -11.72
N ASP C 111 -11.71 27.28 -12.58
CA ASP C 111 -12.34 26.71 -13.76
C ASP C 111 -13.43 25.69 -13.42
N ASN C 112 -13.22 24.91 -12.36
CA ASN C 112 -14.21 23.92 -11.91
C ASN C 112 -14.62 24.11 -10.45
N ARG C 113 -14.16 25.21 -9.85
CA ARG C 113 -14.50 25.59 -8.49
C ARG C 113 -14.20 24.47 -7.49
N THR C 114 -12.96 23.98 -7.54
CA THR C 114 -12.51 22.91 -6.66
C THR C 114 -11.26 23.34 -5.89
N VAL C 115 -10.99 22.64 -4.79
CA VAL C 115 -9.83 22.89 -3.93
C VAL C 115 -9.07 21.60 -3.69
N PHE C 116 -7.74 21.72 -3.57
CA PHE C 116 -6.89 20.58 -3.28
C PHE C 116 -7.02 20.17 -1.82
N PHE C 117 -7.41 18.92 -1.60
CA PHE C 117 -7.69 18.40 -0.27
C PHE C 117 -7.43 16.89 -0.28
N GLU C 118 -6.54 16.45 0.61
CA GLU C 118 -6.21 15.03 0.77
C GLU C 118 -5.88 14.31 -0.56
N GLY C 119 -5.10 15.00 -1.40
CA GLY C 119 -4.53 14.37 -2.60
C GLY C 119 -5.24 14.61 -3.92
N LYS C 120 -6.47 15.11 -3.89
CA LYS C 120 -7.22 15.41 -5.11
C LYS C 120 -7.99 16.71 -4.98
N TYR C 121 -8.56 17.16 -6.11
CA TYR C 121 -9.41 18.35 -6.12
C TYR C 121 -10.88 18.00 -5.91
N GLY C 122 -11.55 18.80 -5.09
CA GLY C 122 -12.97 18.57 -4.78
C GLY C 122 -13.72 19.88 -4.60
N GLY C 123 -15.01 19.85 -4.95
CA GLY C 123 -15.88 21.02 -4.78
C GLY C 123 -16.27 21.21 -3.32
N MET C 124 -16.99 22.28 -3.05
CA MET C 124 -17.35 22.60 -1.65
C MET C 124 -18.28 21.56 -1.02
N GLU C 125 -19.04 20.85 -1.86
CA GLU C 125 -19.92 19.80 -1.38
C GLU C 125 -19.15 18.63 -0.75
N LEU C 126 -17.85 18.56 -1.01
CA LEU C 126 -16.97 17.56 -0.39
C LEU C 126 -16.99 17.68 1.14
N PHE C 127 -17.26 18.88 1.64
CA PHE C 127 -17.11 19.20 3.06
C PHE C 127 -18.43 19.23 3.83
N ARG C 128 -19.46 18.65 3.23
CA ARG C 128 -20.82 18.68 3.80
C ARG C 128 -20.93 18.12 5.23
N ALA C 129 -20.14 17.10 5.56
CA ALA C 129 -20.23 16.44 6.87
C ALA C 129 -19.85 17.36 8.04
N LEU C 130 -19.11 18.42 7.77
CA LEU C 130 -18.75 19.40 8.80
C LEU C 130 -19.98 20.09 9.38
N GLY C 131 -21.00 20.26 8.54
CA GLY C 131 -22.19 21.00 8.97
C GLY C 131 -21.89 22.48 9.18
N CYS C 132 -21.04 23.04 8.32
CA CYS C 132 -20.82 24.49 8.28
C CYS C 132 -20.72 24.96 6.82
N SER C 133 -21.74 24.58 6.06
CA SER C 133 -21.75 24.79 4.61
C SER C 133 -21.76 26.25 4.18
N GLU C 134 -22.36 27.12 4.98
CA GLU C 134 -22.34 28.56 4.69
C GLU C 134 -20.92 29.11 4.76
N LEU C 135 -20.17 28.70 5.79
CA LEU C 135 -18.79 29.15 5.95
C LEU C 135 -17.89 28.57 4.85
N ILE C 136 -18.05 27.29 4.56
CA ILE C 136 -17.31 26.67 3.45
C ILE C 136 -17.57 27.43 2.15
N SER C 137 -18.84 27.79 1.91
CA SER C 137 -19.21 28.59 0.73
C SER C 137 -18.52 29.95 0.71
N SER C 138 -18.48 30.60 1.86
CA SER C 138 -17.80 31.89 2.00
C SER C 138 -16.30 31.78 1.72
N ILE C 139 -15.70 30.68 2.17
CA ILE C 139 -14.28 30.41 1.91
C ILE C 139 -14.03 30.15 0.42
N PHE C 140 -14.89 29.37 -0.23
CA PHE C 140 -14.79 29.16 -1.69
C PHE C 140 -14.98 30.48 -2.45
N ASP C 141 -15.92 31.31 -2.01
CA ASP C 141 -16.10 32.65 -2.59
C ASP C 141 -14.84 33.51 -2.49
N PHE C 142 -14.22 33.46 -1.30
CA PHE C 142 -12.99 34.19 -1.03
C PHE C 142 -11.83 33.71 -1.91
N SER C 143 -11.65 32.39 -1.97
CA SER C 143 -10.63 31.79 -2.85
C SER C 143 -10.86 32.18 -4.30
N HIS C 144 -12.12 32.17 -4.73
CA HIS C 144 -12.48 32.52 -6.10
C HIS C 144 -12.10 33.98 -6.38
N SER C 145 -12.42 34.87 -5.44
CA SER C 145 -12.12 36.29 -5.59
C SER C 145 -10.60 36.55 -5.69
N LEU C 146 -9.81 35.81 -4.91
CA LEU C 146 -8.36 35.96 -4.97
C LEU C 146 -7.78 35.36 -6.24
N SER C 147 -8.33 34.23 -6.68
CA SER C 147 -7.85 33.57 -7.89
CA SER C 147 -7.86 33.56 -7.88
C SER C 147 -8.00 34.46 -9.11
N ALA C 148 -9.05 35.29 -9.11
CA ALA C 148 -9.29 36.21 -10.23
C ALA C 148 -8.22 37.29 -10.34
N LEU C 149 -7.42 37.47 -9.28
CA LEU C 149 -6.37 38.48 -9.28
C LEU C 149 -5.07 37.97 -9.92
N HIS C 150 -5.00 36.65 -10.12
CA HIS C 150 -3.84 35.99 -10.74
C HIS C 150 -2.52 36.39 -10.09
N PHE C 151 -2.47 36.24 -8.78
CA PHE C 151 -1.26 36.51 -8.00
C PHE C 151 -0.08 35.70 -8.53
N SER C 152 1.08 36.34 -8.63
CA SER C 152 2.32 35.59 -8.70
C SER C 152 2.70 35.16 -7.29
N GLU C 153 3.68 34.28 -7.19
CA GLU C 153 4.16 33.83 -5.88
C GLU C 153 4.79 34.99 -5.08
N ASP C 154 5.53 35.86 -5.75
CA ASP C 154 6.12 37.04 -5.12
C ASP C 154 5.03 37.98 -4.56
N GLU C 155 3.96 38.17 -5.32
CA GLU C 155 2.81 38.95 -4.84
C GLU C 155 2.18 38.31 -3.60
N ILE C 156 2.02 36.99 -3.60
CA ILE C 156 1.52 36.31 -2.38
C ILE C 156 2.47 36.52 -1.20
N ALA C 157 3.77 36.43 -1.45
CA ALA C 157 4.75 36.67 -0.40
C ALA C 157 4.54 38.02 0.27
N LEU C 158 4.46 39.05 -0.56
CA LEU C 158 4.41 40.43 -0.07
C LEU C 158 3.06 40.74 0.56
N TYR C 159 1.99 40.22 -0.03
CA TYR C 159 0.65 40.46 0.51
C TYR C 159 0.47 39.74 1.85
N THR C 160 0.88 38.47 1.92
CA THR C 160 0.74 37.72 3.19
C THR C 160 1.61 38.27 4.31
N ALA C 161 2.76 38.86 3.96
CA ALA C 161 3.56 39.58 4.96
C ALA C 161 2.76 40.71 5.59
N LEU C 162 2.01 41.44 4.76
CA LEU C 162 1.12 42.52 5.23
C LEU C 162 -0.12 42.02 5.98
N VAL C 163 -0.68 40.89 5.55
CA VAL C 163 -1.77 40.25 6.31
C VAL C 163 -1.29 39.94 7.74
N LEU C 164 -0.06 39.47 7.88
CA LEU C 164 0.52 39.17 9.20
C LEU C 164 0.88 40.42 10.00
N ILE C 165 1.60 41.35 9.37
CA ILE C 165 2.04 42.57 10.08
C ILE C 165 0.94 43.62 9.99
N ASN C 166 -0.06 43.45 10.85
CA ASN C 166 -1.25 44.28 10.85
C ASN C 166 -1.32 44.99 12.19
N ALA C 167 -1.05 46.30 12.19
CA ALA C 167 -0.92 47.06 13.42
C ALA C 167 -2.25 47.36 14.10
N HIS C 168 -3.36 46.96 13.49
CA HIS C 168 -4.68 47.16 14.10
C HIS C 168 -5.08 46.06 15.10
N ARG C 169 -4.29 44.99 15.21
CA ARG C 169 -4.64 43.93 16.17
C ARG C 169 -4.68 44.50 17.59
N PRO C 170 -5.77 44.24 18.34
CA PRO C 170 -5.76 44.65 19.75
C PRO C 170 -4.69 43.92 20.53
N GLY C 171 -4.14 44.60 21.54
CA GLY C 171 -3.27 43.97 22.52
C GLY C 171 -1.79 44.11 22.27
N LEU C 172 -1.42 44.93 21.28
CA LEU C 172 -0.02 45.20 21.00
C LEU C 172 0.61 46.10 22.05
N GLN C 173 1.82 45.72 22.48
CA GLN C 173 2.58 46.50 23.47
C GLN C 173 3.42 47.59 22.84
N GLU C 174 3.85 47.37 21.59
CA GLU C 174 4.66 48.36 20.89
C GLU C 174 4.02 48.68 19.54
N LYS C 175 2.82 49.23 19.59
CA LYS C 175 1.99 49.44 18.39
C LYS C 175 2.71 50.23 17.31
N ARG C 176 3.39 51.30 17.71
CA ARG C 176 4.10 52.16 16.77
C ARG C 176 5.24 51.44 16.04
N LYS C 177 5.88 50.49 16.70
CA LYS C 177 6.91 49.67 16.04
C LYS C 177 6.29 48.75 14.99
N VAL C 178 5.11 48.22 15.28
CA VAL C 178 4.39 47.39 14.32
C VAL C 178 3.93 48.24 13.15
N GLU C 179 3.47 49.46 13.45
CA GLU C 179 3.09 50.42 12.40
C GLU C 179 4.24 50.77 11.46
N GLN C 180 5.46 50.89 11.98
CA GLN C 180 6.61 51.20 11.14
C GLN C 180 6.94 50.03 10.20
N LEU C 181 6.91 48.81 10.75
CA LEU C 181 7.18 47.63 9.96
C LEU C 181 6.11 47.44 8.89
N GLN C 182 4.84 47.63 9.27
CA GLN C 182 3.73 47.52 8.32
C GLN C 182 3.93 48.49 7.15
N TYR C 183 4.27 49.74 7.46
CA TYR C 183 4.48 50.74 6.42
C TYR C 183 5.62 50.34 5.49
N ASN C 184 6.73 49.85 6.05
CA ASN C 184 7.88 49.43 5.22
C ASN C 184 7.51 48.28 4.28
N LEU C 185 6.70 47.36 4.77
CA LEU C 185 6.20 46.25 3.97
C LEU C 185 5.23 46.72 2.89
N GLU C 186 4.43 47.74 3.21
CA GLU C 186 3.58 48.38 2.22
C GLU C 186 4.43 49.01 1.12
N LEU C 187 5.51 49.67 1.51
CA LEU C 187 6.43 50.26 0.54
C LEU C 187 7.04 49.19 -0.36
N ALA C 188 7.42 48.07 0.26
CA ALA C 188 8.00 46.93 -0.47
C ALA C 188 6.99 46.38 -1.48
N PHE C 189 5.77 46.14 -1.01
CA PHE C 189 4.70 45.61 -1.85
C PHE C 189 4.43 46.55 -3.03
N HIS C 190 4.28 47.85 -2.73
CA HIS C 190 3.96 48.83 -3.76
C HIS C 190 5.10 48.99 -4.77
N HIS C 191 6.33 48.94 -4.28
CA HIS C 191 7.50 49.06 -5.14
C HIS C 191 7.53 47.91 -6.13
N HIS C 192 7.35 46.70 -5.62
CA HIS C 192 7.34 45.50 -6.49
C HIS C 192 6.22 45.59 -7.52
N LEU C 193 5.03 45.97 -7.09
CA LEU C 193 3.89 46.11 -8.01
C LEU C 193 4.13 47.18 -9.08
N SER C 194 4.83 48.24 -8.71
CA SER C 194 5.12 49.32 -9.66
C SER C 194 5.99 48.81 -10.82
N LYS C 195 6.99 47.98 -10.47
CA LYS C 195 7.94 47.44 -11.45
C LYS C 195 7.28 46.56 -12.49
N THR C 196 6.20 45.89 -12.08
CA THR C 196 5.53 44.90 -12.90
C THR C 196 4.23 45.44 -13.51
N HIS C 197 3.96 46.72 -13.25
CA HIS C 197 2.73 47.40 -13.68
C HIS C 197 1.49 46.69 -13.12
N ARG C 198 1.53 46.42 -11.82
CA ARG C 198 0.48 45.63 -11.18
C ARG C 198 -0.18 46.34 -10.01
N GLN C 199 0.00 47.65 -9.90
CA GLN C 199 -0.62 48.39 -8.80
C GLN C 199 -2.15 48.41 -8.90
N SER C 200 -2.66 48.07 -10.08
CA SER C 200 -4.10 47.92 -10.28
C SER C 200 -4.77 46.94 -9.31
N ILE C 201 -4.01 45.97 -8.80
CA ILE C 201 -4.61 44.96 -7.92
C ILE C 201 -4.92 45.49 -6.53
N LEU C 202 -4.27 46.59 -6.15
CA LEU C 202 -4.44 47.12 -4.79
C LEU C 202 -5.89 47.46 -4.47
N ALA C 203 -6.60 48.04 -5.44
CA ALA C 203 -8.01 48.38 -5.24
C ALA C 203 -8.92 47.14 -5.19
N LYS C 204 -8.42 46.03 -5.73
CA LYS C 204 -9.21 44.80 -5.87
C LYS C 204 -9.00 43.80 -4.74
N LEU C 205 -8.03 44.06 -3.86
CA LEU C 205 -7.77 43.18 -2.72
C LEU C 205 -8.96 43.19 -1.74
N PRO C 206 -9.17 42.06 -1.02
CA PRO C 206 -10.32 41.98 -0.13
C PRO C 206 -10.23 43.03 0.97
N PRO C 207 -11.37 43.60 1.38
CA PRO C 207 -11.31 44.46 2.57
C PRO C 207 -10.82 43.66 3.78
N LYS C 208 -10.04 44.30 4.66
CA LYS C 208 -9.52 43.66 5.88
C LYS C 208 -10.63 43.06 6.73
N GLY C 209 -11.79 43.70 6.69
CA GLY C 209 -13.00 43.21 7.35
C GLY C 209 -13.44 41.83 6.90
N LYS C 210 -13.18 41.48 5.63
CA LYS C 210 -13.50 40.14 5.13
C LYS C 210 -12.66 39.07 5.81
N LEU C 211 -11.34 39.28 5.87
CA LEU C 211 -10.48 38.32 6.56
C LEU C 211 -10.87 38.15 8.03
N ARG C 212 -11.18 39.26 8.70
CA ARG C 212 -11.65 39.22 10.09
CA ARG C 212 -11.65 39.22 10.08
C ARG C 212 -12.95 38.44 10.21
N SER C 213 -13.86 38.64 9.25
CA SER C 213 -15.16 37.98 9.29
C SER C 213 -15.01 36.48 9.14
N LEU C 214 -14.18 36.05 8.19
CA LEU C 214 -13.94 34.62 8.00
C LEU C 214 -13.36 34.00 9.27
N CYS C 215 -12.44 34.70 9.93
CA CYS C 215 -11.83 34.17 11.15
C CYS C 215 -12.80 34.11 12.32
N SER C 216 -13.63 35.15 12.46
CA SER C 216 -14.67 35.16 13.48
C SER C 216 -15.67 34.02 13.25
N GLN C 217 -16.05 33.82 12.00
CA GLN C 217 -16.98 32.72 11.68
C GLN C 217 -16.38 31.35 11.97
N HIS C 218 -15.08 31.18 11.69
CA HIS C 218 -14.37 29.96 12.03
C HIS C 218 -14.51 29.64 13.50
N VAL C 219 -14.20 30.63 14.34
CA VAL C 219 -14.32 30.48 15.78
C VAL C 219 -15.75 30.11 16.18
N GLU C 220 -16.73 30.76 15.57
CA GLU C 220 -18.14 30.47 15.88
C GLU C 220 -18.58 29.06 15.47
N ARG C 221 -18.16 28.61 14.29
CA ARG C 221 -18.50 27.25 13.86
C ARG C 221 -17.79 26.19 14.71
N LEU C 222 -16.56 26.49 15.14
CA LEU C 222 -15.86 25.62 16.09
C LEU C 222 -16.58 25.52 17.44
N GLN C 223 -17.15 26.63 17.91
CA GLN C 223 -17.94 26.60 19.14
C GLN C 223 -19.12 25.64 19.01
N ILE C 224 -19.83 25.71 17.89
CA ILE C 224 -20.97 24.82 17.63
C ILE C 224 -20.51 23.36 17.68
N PHE C 225 -19.42 23.06 16.97
CA PHE C 225 -18.88 21.72 16.96
C PHE C 225 -18.41 21.26 18.34
N GLN C 226 -17.64 22.10 19.02
CA GLN C 226 -17.04 21.76 20.31
C GLN C 226 -18.09 21.52 21.39
N HIS C 227 -19.17 22.31 21.38
CA HIS C 227 -20.25 22.05 22.33
C HIS C 227 -20.97 20.72 22.08
N LEU C 228 -20.98 20.28 20.82
CA LEU C 228 -21.64 19.06 20.40
C LEU C 228 -20.71 17.85 20.65
N HIS C 229 -19.42 18.05 20.41
CA HIS C 229 -18.42 16.98 20.51
C HIS C 229 -17.21 17.41 21.34
N PRO C 230 -17.40 17.71 22.64
CA PRO C 230 -16.29 18.31 23.41
C PRO C 230 -15.09 17.39 23.60
N ILE C 231 -15.34 16.10 23.73
CA ILE C 231 -14.26 15.16 24.01
C ILE C 231 -13.35 14.97 22.80
N VAL C 232 -13.93 14.99 21.61
CA VAL C 232 -13.17 14.87 20.36
C VAL C 232 -12.10 15.97 20.28
N VAL C 233 -12.50 17.20 20.56
CA VAL C 233 -11.57 18.33 20.55
C VAL C 233 -10.40 18.13 21.55
N GLN C 234 -10.72 17.73 22.78
CA GLN C 234 -9.71 17.53 23.82
CA GLN C 234 -9.71 17.52 23.82
C GLN C 234 -8.78 16.36 23.50
N ALA C 235 -9.32 15.29 22.93
CA ALA C 235 -8.57 14.06 22.69
C ALA C 235 -7.80 14.02 21.37
N ALA C 236 -8.34 14.64 20.33
CA ALA C 236 -7.85 14.35 18.98
C ALA C 236 -7.31 15.55 18.20
N PHE C 237 -7.85 16.74 18.47
CA PHE C 237 -7.45 17.94 17.73
C PHE C 237 -6.00 18.32 18.07
N PRO C 238 -5.27 18.92 17.09
CA PRO C 238 -3.93 19.39 17.42
C PRO C 238 -3.99 20.46 18.51
N PRO C 239 -3.11 20.35 19.52
CA PRO C 239 -3.17 21.32 20.61
C PRO C 239 -3.02 22.77 20.14
N LEU C 240 -2.21 23.00 19.12
CA LEU C 240 -2.04 24.35 18.59
C LEU C 240 -3.35 24.90 18.05
N TYR C 241 -4.13 24.03 17.41
CA TYR C 241 -5.44 24.40 16.87
C TYR C 241 -6.38 24.84 17.98
N LYS C 242 -6.43 24.05 19.05
CA LYS C 242 -7.23 24.39 20.22
C LYS C 242 -6.77 25.72 20.82
N GLU C 243 -5.46 25.91 20.95
CA GLU C 243 -4.92 27.13 21.54
C GLU C 243 -5.34 28.38 20.73
N LEU C 244 -5.26 28.28 19.40
CA LEU C 244 -5.53 29.42 18.54
C LEU C 244 -7.01 29.78 18.43
N PHE C 245 -7.87 28.76 18.50
CA PHE C 245 -9.27 28.93 18.07
C PHE C 245 -10.35 28.63 19.09
N SER C 246 -10.05 27.79 20.08
CA SER C 246 -11.06 27.43 21.09
C SER C 246 -11.31 28.55 22.09
N THR C 247 -12.56 28.71 22.52
CA THR C 247 -12.93 29.71 23.52
C THR C 247 -13.28 29.04 24.85
N TYR D 3 2.62 -8.88 -22.60
CA TYR D 3 1.39 -8.09 -22.94
C TYR D 3 0.72 -8.71 -24.16
N ALA D 4 -0.33 -9.50 -23.91
CA ALA D 4 -1.01 -10.24 -24.95
C ALA D 4 -1.60 -9.32 -26.01
N SER D 5 -1.17 -9.54 -27.26
CA SER D 5 -1.65 -8.75 -28.39
C SER D 5 -3.08 -9.17 -28.75
N LEU D 6 -3.75 -8.35 -29.57
CA LEU D 6 -5.09 -8.67 -30.03
C LEU D 6 -5.13 -10.02 -30.75
N THR D 7 -4.13 -10.30 -31.58
CA THR D 7 -4.00 -11.59 -32.26
C THR D 7 -3.85 -12.75 -31.27
N GLU D 8 -3.10 -12.52 -30.19
CA GLU D 8 -2.89 -13.54 -29.16
C GLU D 8 -4.17 -13.82 -28.37
N ILE D 9 -4.93 -12.76 -28.08
CA ILE D 9 -6.20 -12.90 -27.37
CA ILE D 9 -6.20 -12.88 -27.37
C ILE D 9 -7.19 -13.69 -28.22
N GLU D 10 -7.27 -13.36 -29.51
CA GLU D 10 -8.14 -14.08 -30.44
C GLU D 10 -7.77 -15.56 -30.52
N HIS D 11 -6.47 -15.86 -30.49
CA HIS D 11 -6.00 -17.24 -30.47
C HIS D 11 -6.39 -17.94 -29.18
N LEU D 12 -6.28 -17.22 -28.06
CA LEU D 12 -6.68 -17.75 -26.76
C LEU D 12 -8.17 -18.11 -26.72
N VAL D 13 -9.02 -17.24 -27.28
CA VAL D 13 -10.44 -17.55 -27.42
C VAL D 13 -10.62 -18.92 -28.09
N GLN D 14 -10.01 -19.07 -29.27
CA GLN D 14 -10.15 -20.30 -30.04
C GLN D 14 -9.64 -21.52 -29.28
N SER D 15 -8.54 -21.34 -28.56
CA SER D 15 -7.89 -22.43 -27.86
C SER D 15 -8.76 -22.93 -26.69
N VAL D 16 -9.28 -21.98 -25.92
CA VAL D 16 -10.15 -22.28 -24.78
C VAL D 16 -11.42 -23.00 -25.25
N CYS D 17 -12.04 -22.48 -26.30
CA CYS D 17 -13.23 -23.11 -26.89
C CYS D 17 -12.97 -24.53 -27.38
N LYS D 18 -11.78 -24.78 -27.94
CA LYS D 18 -11.38 -26.11 -28.38
C LYS D 18 -11.19 -27.07 -27.20
N SER D 19 -10.52 -26.60 -26.15
CA SER D 19 -10.28 -27.41 -24.96
C SER D 19 -11.60 -27.82 -24.32
N TYR D 20 -12.54 -26.88 -24.28
CA TYR D 20 -13.87 -27.17 -23.77
C TYR D 20 -14.62 -28.21 -24.63
N ARG D 21 -14.66 -27.99 -25.94
CA ARG D 21 -15.36 -28.92 -26.86
C ARG D 21 -14.86 -30.35 -26.71
N GLU D 22 -13.56 -30.50 -26.54
CA GLU D 22 -12.94 -31.82 -26.40
C GLU D 22 -13.23 -32.51 -25.07
N THR D 23 -13.78 -31.76 -24.11
CA THR D 23 -13.95 -32.26 -22.75
C THR D 23 -15.32 -31.93 -22.15
N CYS D 24 -16.28 -31.60 -23.01
CA CYS D 24 -17.59 -31.16 -22.55
C CYS D 24 -18.50 -32.28 -21.99
N GLN D 25 -18.01 -33.51 -22.00
CA GLN D 25 -18.70 -34.71 -21.47
C GLN D 25 -19.85 -35.21 -22.34
N LEU D 26 -20.95 -34.46 -22.40
CA LEU D 26 -22.05 -34.81 -23.30
C LEU D 26 -22.23 -33.71 -24.34
N ARG D 27 -22.54 -34.12 -25.56
CA ARG D 27 -22.84 -33.19 -26.65
C ARG D 27 -24.13 -32.44 -26.32
N LEU D 28 -24.13 -31.13 -26.54
CA LEU D 28 -25.33 -30.32 -26.29
C LEU D 28 -26.54 -30.84 -27.08
N GLU D 29 -26.31 -31.27 -28.32
CA GLU D 29 -27.34 -31.83 -29.21
C GLU D 29 -28.05 -33.04 -28.59
N ASP D 30 -27.26 -33.89 -27.93
CA ASP D 30 -27.78 -35.10 -27.28
C ASP D 30 -28.62 -34.76 -26.05
N LEU D 31 -28.15 -33.80 -25.25
CA LEU D 31 -28.91 -33.36 -24.08
C LEU D 31 -30.27 -32.77 -24.47
N LEU D 32 -30.28 -31.96 -25.54
CA LEU D 32 -31.51 -31.33 -26.04
C LEU D 32 -32.50 -32.36 -26.58
N ARG D 33 -32.00 -33.31 -27.37
CA ARG D 33 -32.85 -34.37 -27.95
C ARG D 33 -33.48 -35.26 -26.87
N GLN D 34 -32.85 -35.33 -25.70
CA GLN D 34 -33.35 -36.15 -24.60
C GLN D 34 -34.43 -35.45 -23.75
N ARG D 35 -34.70 -34.18 -24.05
CA ARG D 35 -35.63 -33.39 -23.23
C ARG D 35 -37.05 -33.96 -23.10
N SER D 36 -37.51 -34.65 -24.16
CA SER D 36 -38.84 -35.26 -24.15
C SER D 36 -38.88 -36.58 -23.36
N ASN D 37 -37.70 -37.07 -22.99
CA ASN D 37 -37.55 -38.29 -22.20
CA ASN D 37 -37.60 -38.29 -22.19
C ASN D 37 -37.56 -37.97 -20.70
N ILE D 38 -38.71 -38.12 -20.07
CA ILE D 38 -38.91 -37.73 -18.68
C ILE D 38 -39.32 -38.93 -17.84
N PHE D 39 -38.76 -39.03 -16.63
CA PHE D 39 -39.08 -40.13 -15.73
C PHE D 39 -40.59 -40.21 -15.49
N SER D 40 -41.10 -41.44 -15.51
CA SER D 40 -42.51 -41.72 -15.29
C SER D 40 -42.86 -41.58 -13.82
N ARG D 41 -44.14 -41.56 -13.52
CA ARG D 41 -44.61 -41.48 -12.15
C ARG D 41 -44.05 -42.61 -11.30
N GLU D 42 -44.08 -43.84 -11.82
CA GLU D 42 -43.58 -45.01 -11.11
C GLU D 42 -42.07 -44.94 -10.90
N GLU D 43 -41.37 -44.41 -11.91
CA GLU D 43 -39.92 -44.23 -11.82
C GLU D 43 -39.55 -43.20 -10.75
N VAL D 44 -40.27 -42.06 -10.74
CA VAL D 44 -40.03 -41.02 -9.73
C VAL D 44 -40.27 -41.56 -8.32
N THR D 45 -41.40 -42.25 -8.16
CA THR D 45 -41.74 -42.92 -6.90
C THR D 45 -40.64 -43.88 -6.47
N GLY D 46 -40.13 -44.68 -7.41
CA GLY D 46 -39.01 -45.58 -7.14
C GLY D 46 -37.77 -44.86 -6.60
N TYR D 47 -37.39 -43.76 -7.23
CA TYR D 47 -36.26 -42.95 -6.75
C TYR D 47 -36.50 -42.41 -5.35
N GLN D 48 -37.73 -41.98 -5.09
CA GLN D 48 -38.08 -41.39 -3.80
C GLN D 48 -38.07 -42.43 -2.68
N ARG D 49 -38.27 -43.69 -3.06
CA ARG D 49 -38.30 -44.79 -2.09
C ARG D 49 -36.95 -45.51 -1.96
N LYS D 50 -35.96 -45.06 -2.72
CA LYS D 50 -34.59 -45.58 -2.58
C LYS D 50 -34.02 -45.20 -1.23
N SER D 51 -33.10 -46.03 -0.72
CA SER D 51 -32.38 -45.70 0.51
C SER D 51 -31.51 -44.46 0.31
N MET D 52 -31.33 -43.73 1.39
CA MET D 52 -30.45 -42.56 1.38
C MET D 52 -29.05 -42.96 0.88
N TRP D 53 -28.54 -44.09 1.35
CA TRP D 53 -27.18 -44.50 0.98
C TRP D 53 -27.08 -44.80 -0.51
N GLU D 54 -28.08 -45.47 -1.07
CA GLU D 54 -28.00 -45.84 -2.49
C GLU D 54 -28.07 -44.60 -3.38
N MET D 55 -28.96 -43.67 -3.02
CA MET D 55 -29.11 -42.45 -3.78
C MET D 55 -27.86 -41.59 -3.68
N TRP D 56 -27.26 -41.50 -2.49
CA TRP D 56 -26.01 -40.76 -2.31
C TRP D 56 -24.86 -41.36 -3.13
N GLU D 57 -24.74 -42.69 -3.07
CA GLU D 57 -23.71 -43.40 -3.84
C GLU D 57 -23.84 -43.11 -5.33
N ARG D 58 -25.06 -43.19 -5.85
CA ARG D 58 -25.28 -42.91 -7.27
C ARG D 58 -24.87 -41.48 -7.61
N CYS D 59 -25.32 -40.52 -6.81
CA CYS D 59 -25.02 -39.12 -7.07
C CYS D 59 -23.52 -38.82 -6.98
N ALA D 60 -22.83 -39.45 -6.04
CA ALA D 60 -21.40 -39.23 -5.86
C ALA D 60 -20.63 -39.77 -7.07
N HIS D 61 -21.09 -40.90 -7.59
CA HIS D 61 -20.52 -41.47 -8.82
C HIS D 61 -20.70 -40.52 -10.01
N HIS D 62 -21.92 -40.05 -10.24
CA HIS D 62 -22.17 -39.17 -11.39
C HIS D 62 -21.43 -37.84 -11.31
N LEU D 63 -21.40 -37.26 -10.10
CA LEU D 63 -20.65 -36.03 -9.89
CA LEU D 63 -20.65 -36.03 -9.89
C LEU D 63 -19.16 -36.24 -10.14
N THR D 64 -18.63 -37.37 -9.67
CA THR D 64 -17.22 -37.70 -9.90
C THR D 64 -16.91 -37.85 -11.39
N GLU D 65 -17.78 -38.50 -12.14
CA GLU D 65 -17.63 -38.59 -13.59
C GLU D 65 -17.56 -37.19 -14.24
N ALA D 66 -18.42 -36.28 -13.81
CA ALA D 66 -18.42 -34.92 -14.33
C ALA D 66 -17.13 -34.19 -13.95
N ILE D 67 -16.67 -34.42 -12.73
CA ILE D 67 -15.40 -33.84 -12.24
C ILE D 67 -14.22 -34.37 -13.08
N GLN D 68 -14.23 -35.65 -13.43
CA GLN D 68 -13.17 -36.22 -14.25
C GLN D 68 -13.01 -35.51 -15.58
N TYR D 69 -14.12 -35.10 -16.19
CA TYR D 69 -14.06 -34.32 -17.42
C TYR D 69 -13.52 -32.91 -17.19
N VAL D 70 -13.84 -32.31 -16.04
CA VAL D 70 -13.30 -31.00 -15.70
C VAL D 70 -11.78 -31.08 -15.50
N VAL D 71 -11.29 -32.15 -14.87
CA VAL D 71 -9.85 -32.36 -14.73
C VAL D 71 -9.20 -32.39 -16.12
N GLU D 72 -9.81 -33.12 -17.04
CA GLU D 72 -9.31 -33.19 -18.41
CA GLU D 72 -9.29 -33.19 -18.41
C GLU D 72 -9.34 -31.83 -19.10
N PHE D 73 -10.39 -31.06 -18.86
CA PHE D 73 -10.52 -29.69 -19.38
C PHE D 73 -9.32 -28.84 -18.93
N ALA D 74 -9.03 -28.90 -17.63
CA ALA D 74 -7.87 -28.21 -17.04
C ALA D 74 -6.55 -28.63 -17.70
N LYS D 75 -6.34 -29.93 -17.86
CA LYS D 75 -5.12 -30.45 -18.47
C LYS D 75 -4.91 -29.94 -19.90
N ARG D 76 -6.00 -29.62 -20.58
CA ARG D 76 -5.93 -29.12 -21.97
C ARG D 76 -6.02 -27.61 -22.10
N LEU D 77 -6.31 -26.94 -20.98
CA LEU D 77 -6.53 -25.50 -20.99
C LEU D 77 -5.20 -24.76 -21.08
N SER D 78 -5.10 -23.83 -22.03
CA SER D 78 -3.89 -23.05 -22.25
C SER D 78 -3.37 -22.43 -20.94
N GLY D 79 -2.14 -22.75 -20.58
CA GLY D 79 -1.50 -22.13 -19.43
C GLY D 79 -1.60 -22.92 -18.14
N PHE D 80 -2.65 -23.74 -18.00
CA PHE D 80 -2.85 -24.51 -16.76
C PHE D 80 -1.70 -25.46 -16.43
N MET D 81 -1.23 -26.22 -17.42
CA MET D 81 -0.19 -27.22 -17.15
C MET D 81 1.21 -26.60 -16.93
N GLU D 82 1.34 -25.31 -17.20
CA GLU D 82 2.56 -24.56 -16.94
C GLU D 82 2.62 -24.02 -15.51
N LEU D 83 1.48 -24.08 -14.81
CA LEU D 83 1.44 -23.73 -13.39
C LEU D 83 2.13 -24.83 -12.59
N CYS D 84 2.63 -24.49 -11.39
CA CYS D 84 3.26 -25.50 -10.54
C CYS D 84 2.23 -26.50 -10.04
N GLN D 85 2.69 -27.70 -9.68
CA GLN D 85 1.83 -28.79 -9.23
C GLN D 85 0.87 -28.38 -8.12
N ASN D 86 1.40 -27.68 -7.11
CA ASN D 86 0.61 -27.18 -5.99
C ASN D 86 -0.59 -26.37 -6.45
N ASP D 87 -0.36 -25.45 -7.38
CA ASP D 87 -1.39 -24.52 -7.83
C ASP D 87 -2.43 -25.20 -8.71
N GLN D 88 -1.99 -26.13 -9.57
CA GLN D 88 -2.91 -26.97 -10.33
C GLN D 88 -3.91 -27.66 -9.39
N ILE D 89 -3.39 -28.18 -8.28
CA ILE D 89 -4.18 -28.93 -7.32
C ILE D 89 -5.11 -28.00 -6.55
N VAL D 90 -4.57 -26.87 -6.07
CA VAL D 90 -5.36 -25.87 -5.36
C VAL D 90 -6.54 -25.42 -6.25
N LEU D 91 -6.23 -25.11 -7.51
CA LEU D 91 -7.28 -24.62 -8.42
C LEU D 91 -8.36 -25.67 -8.68
N LEU D 92 -7.97 -26.91 -8.93
CA LEU D 92 -8.97 -27.96 -9.16
C LEU D 92 -9.74 -28.35 -7.91
N LYS D 93 -9.07 -28.40 -6.77
CA LYS D 93 -9.75 -28.79 -5.54
C LYS D 93 -10.87 -27.80 -5.21
N ALA D 94 -10.61 -26.52 -5.45
CA ALA D 94 -11.59 -25.48 -5.18
C ALA D 94 -12.59 -25.28 -6.31
N GLY D 95 -12.14 -25.49 -7.55
CA GLY D 95 -12.91 -25.12 -8.72
C GLY D 95 -13.67 -26.20 -9.46
N ALA D 96 -13.28 -27.47 -9.27
CA ALA D 96 -13.90 -28.57 -10.03
C ALA D 96 -15.42 -28.61 -9.85
N MET D 97 -15.87 -28.55 -8.61
CA MET D 97 -17.31 -28.59 -8.32
C MET D 97 -18.02 -27.35 -8.90
N GLU D 98 -17.37 -26.20 -8.82
CA GLU D 98 -17.96 -24.97 -9.36
C GLU D 98 -18.16 -25.08 -10.87
N VAL D 99 -17.16 -25.62 -11.56
CA VAL D 99 -17.25 -25.79 -13.01
C VAL D 99 -18.37 -26.77 -13.35
N VAL D 100 -18.47 -27.87 -12.60
CA VAL D 100 -19.55 -28.84 -12.82
C VAL D 100 -20.91 -28.18 -12.62
N LEU D 101 -21.05 -27.39 -11.56
CA LEU D 101 -22.33 -26.71 -11.32
C LEU D 101 -22.72 -25.78 -12.45
N VAL D 102 -21.74 -25.07 -13.01
CA VAL D 102 -21.98 -24.19 -14.18
C VAL D 102 -22.32 -25.03 -15.43
N ARG D 103 -21.51 -26.04 -15.72
CA ARG D 103 -21.75 -26.91 -16.87
C ARG D 103 -23.15 -27.55 -16.83
N MET D 104 -23.60 -27.84 -15.61
CA MET D 104 -24.88 -28.53 -15.39
C MET D 104 -26.11 -27.82 -15.99
N CYS D 105 -26.01 -26.51 -16.20
CA CYS D 105 -27.15 -25.77 -16.78
C CYS D 105 -27.49 -26.25 -18.19
N ARG D 106 -26.50 -26.80 -18.89
CA ARG D 106 -26.70 -27.41 -20.21
C ARG D 106 -27.71 -28.56 -20.16
N ALA D 107 -27.71 -29.28 -19.04
CA ALA D 107 -28.52 -30.46 -18.84
C ALA D 107 -29.81 -30.13 -18.08
N TYR D 108 -30.13 -28.85 -17.99
CA TYR D 108 -31.30 -28.37 -17.27
C TYR D 108 -32.32 -27.77 -18.23
N ASN D 109 -33.57 -28.17 -18.08
CA ASN D 109 -34.67 -27.67 -18.91
C ASN D 109 -35.55 -26.71 -18.10
N ALA D 110 -35.40 -25.41 -18.38
CA ALA D 110 -36.12 -24.38 -17.63
C ALA D 110 -37.62 -24.43 -17.85
N ASP D 111 -38.03 -25.02 -18.98
CA ASP D 111 -39.45 -25.05 -19.36
C ASP D 111 -40.28 -25.94 -18.45
N ASN D 112 -39.66 -26.97 -17.87
CA ASN D 112 -40.35 -27.86 -16.95
C ASN D 112 -39.58 -28.12 -15.64
N ARG D 113 -38.50 -27.37 -15.44
CA ARG D 113 -37.65 -27.47 -14.23
C ARG D 113 -37.11 -28.89 -14.01
N THR D 114 -36.55 -29.48 -15.05
CA THR D 114 -35.99 -30.82 -14.93
C THR D 114 -34.51 -30.84 -15.27
N VAL D 115 -33.83 -31.87 -14.79
CA VAL D 115 -32.41 -32.06 -15.08
C VAL D 115 -32.19 -33.48 -15.63
N PHE D 116 -31.22 -33.61 -16.53
CA PHE D 116 -30.83 -34.92 -17.05
C PHE D 116 -30.07 -35.69 -15.97
N PHE D 117 -30.59 -36.85 -15.60
CA PHE D 117 -30.02 -37.65 -14.52
C PHE D 117 -30.32 -39.11 -14.78
N GLU D 118 -29.27 -39.93 -14.85
CA GLU D 118 -29.42 -41.36 -15.11
C GLU D 118 -30.30 -41.67 -16.32
N GLY D 119 -30.07 -40.91 -17.40
CA GLY D 119 -30.61 -41.22 -18.71
C GLY D 119 -31.97 -40.63 -19.07
N LYS D 120 -32.60 -39.94 -18.14
CA LYS D 120 -33.86 -39.23 -18.39
C LYS D 120 -33.89 -37.91 -17.63
N TYR D 121 -34.91 -37.10 -17.91
CA TYR D 121 -35.11 -35.83 -17.22
C TYR D 121 -36.04 -35.99 -16.02
N GLY D 122 -35.63 -35.40 -14.89
CA GLY D 122 -36.41 -35.46 -13.65
C GLY D 122 -36.41 -34.14 -12.91
N GLY D 123 -37.51 -33.85 -12.20
CA GLY D 123 -37.58 -32.66 -11.38
C GLY D 123 -36.87 -32.85 -10.06
N MET D 124 -36.81 -31.80 -9.25
CA MET D 124 -36.05 -31.87 -8.00
C MET D 124 -36.64 -32.85 -6.99
N GLU D 125 -37.91 -33.18 -7.16
CA GLU D 125 -38.58 -34.21 -6.34
C GLU D 125 -37.95 -35.60 -6.51
N LEU D 126 -37.19 -35.80 -7.59
CA LEU D 126 -36.50 -37.07 -7.81
C LEU D 126 -35.50 -37.39 -6.70
N PHE D 127 -35.03 -36.35 -6.00
CA PHE D 127 -33.85 -36.45 -5.12
C PHE D 127 -34.19 -36.46 -3.64
N ARG D 128 -35.46 -36.66 -3.33
CA ARG D 128 -35.93 -36.58 -1.94
C ARG D 128 -35.17 -37.49 -0.98
N ALA D 129 -34.76 -38.67 -1.44
CA ALA D 129 -34.08 -39.67 -0.59
C ALA D 129 -32.73 -39.20 -0.07
N LEU D 130 -32.13 -38.21 -0.73
CA LEU D 130 -30.85 -37.67 -0.26
C LEU D 130 -30.96 -37.01 1.11
N GLY D 131 -32.14 -36.47 1.40
CA GLY D 131 -32.34 -35.73 2.63
C GLY D 131 -31.59 -34.39 2.66
N CYS D 132 -31.45 -33.75 1.49
CA CYS D 132 -30.88 -32.40 1.44
CA CYS D 132 -30.84 -32.44 1.34
C CYS D 132 -31.74 -31.51 0.53
N SER D 133 -33.00 -31.38 0.94
CA SER D 133 -34.02 -30.64 0.19
CA SER D 133 -34.01 -30.66 0.17
C SER D 133 -33.59 -29.23 -0.17
N GLU D 134 -33.10 -28.50 0.83
CA GLU D 134 -32.72 -27.11 0.65
C GLU D 134 -31.58 -26.96 -0.38
N LEU D 135 -30.56 -27.80 -0.27
CA LEU D 135 -29.43 -27.71 -1.19
C LEU D 135 -29.82 -28.10 -2.63
N ILE D 136 -30.55 -29.20 -2.79
CA ILE D 136 -31.04 -29.58 -4.11
C ILE D 136 -31.86 -28.46 -4.76
N SER D 137 -32.81 -27.90 -4.01
CA SER D 137 -33.61 -26.81 -4.55
C SER D 137 -32.77 -25.58 -4.88
N SER D 138 -31.74 -25.31 -4.08
CA SER D 138 -30.81 -24.22 -4.35
C SER D 138 -30.03 -24.43 -5.65
N ILE D 139 -29.59 -25.66 -5.88
CA ILE D 139 -28.91 -26.00 -7.13
C ILE D 139 -29.85 -25.83 -8.33
N PHE D 140 -31.10 -26.24 -8.18
CA PHE D 140 -32.09 -26.08 -9.25
C PHE D 140 -32.35 -24.60 -9.57
N ASP D 141 -32.44 -23.79 -8.52
CA ASP D 141 -32.63 -22.35 -8.70
C ASP D 141 -31.43 -21.74 -9.40
N PHE D 142 -30.23 -22.16 -9.00
CA PHE D 142 -28.99 -21.70 -9.60
C PHE D 142 -28.97 -22.03 -11.10
N SER D 143 -29.35 -23.26 -11.43
CA SER D 143 -29.42 -23.73 -12.81
C SER D 143 -30.47 -22.98 -13.64
N HIS D 144 -31.60 -22.69 -13.00
CA HIS D 144 -32.66 -21.90 -13.62
C HIS D 144 -32.18 -20.50 -13.99
N SER D 145 -31.48 -19.85 -13.05
N SER D 145 -31.49 -19.85 -13.05
CA SER D 145 -30.93 -18.50 -13.28
CA SER D 145 -30.93 -18.52 -13.29
C SER D 145 -29.87 -18.45 -14.38
C SER D 145 -29.92 -18.50 -14.43
N LEU D 146 -28.99 -19.47 -14.42
CA LEU D 146 -27.98 -19.57 -15.49
C LEU D 146 -28.64 -19.86 -16.84
N SER D 147 -29.68 -20.70 -16.85
CA SER D 147 -30.38 -21.05 -18.08
C SER D 147 -30.97 -19.82 -18.78
N ALA D 148 -31.37 -18.82 -17.99
CA ALA D 148 -31.99 -17.60 -18.51
C ALA D 148 -31.01 -16.73 -19.29
N LEU D 149 -29.71 -17.03 -19.17
CA LEU D 149 -28.69 -16.29 -19.90
C LEU D 149 -28.49 -16.83 -21.30
N HIS D 150 -28.99 -18.03 -21.56
CA HIS D 150 -28.88 -18.73 -22.84
C HIS D 150 -27.42 -18.77 -23.35
N PHE D 151 -26.53 -19.25 -22.48
CA PHE D 151 -25.12 -19.42 -22.82
C PHE D 151 -24.95 -20.21 -24.10
N SER D 152 -24.07 -19.74 -24.97
CA SER D 152 -23.58 -20.57 -26.05
C SER D 152 -22.49 -21.47 -25.48
N GLU D 153 -22.15 -22.51 -26.22
CA GLU D 153 -21.06 -23.41 -25.83
C GLU D 153 -19.74 -22.65 -25.68
N ASP D 154 -19.47 -21.72 -26.60
CA ASP D 154 -18.28 -20.89 -26.51
C ASP D 154 -18.23 -20.04 -25.25
N GLU D 155 -19.38 -19.49 -24.86
CA GLU D 155 -19.51 -18.71 -23.64
C GLU D 155 -19.27 -19.58 -22.42
N ILE D 156 -19.81 -20.79 -22.44
CA ILE D 156 -19.58 -21.72 -21.33
C ILE D 156 -18.10 -22.04 -21.20
N ALA D 157 -17.44 -22.26 -22.35
CA ALA D 157 -16.00 -22.53 -22.35
C ALA D 157 -15.21 -21.43 -21.68
N LEU D 158 -15.47 -20.20 -22.09
CA LEU D 158 -14.72 -19.04 -21.62
C LEU D 158 -15.04 -18.72 -20.16
N TYR D 159 -16.31 -18.78 -19.80
CA TYR D 159 -16.71 -18.55 -18.41
C TYR D 159 -16.17 -19.61 -17.44
N THR D 160 -16.30 -20.90 -17.78
CA THR D 160 -15.77 -21.95 -16.90
C THR D 160 -14.25 -21.94 -16.80
N ALA D 161 -13.57 -21.48 -17.86
CA ALA D 161 -12.11 -21.28 -17.78
C ALA D 161 -11.79 -20.30 -16.64
N LEU D 162 -12.59 -19.23 -16.54
CA LEU D 162 -12.43 -18.23 -15.50
C LEU D 162 -12.86 -18.71 -14.12
N VAL D 163 -13.88 -19.58 -14.07
CA VAL D 163 -14.29 -20.18 -12.80
C VAL D 163 -13.12 -20.99 -12.21
N LEU D 164 -12.41 -21.71 -13.08
CA LEU D 164 -11.25 -22.49 -12.69
C LEU D 164 -10.02 -21.63 -12.38
N ILE D 165 -9.67 -20.74 -13.30
CA ILE D 165 -8.44 -19.94 -13.14
C ILE D 165 -8.78 -18.69 -12.33
N ASN D 166 -8.77 -18.89 -11.01
CA ASN D 166 -9.15 -17.87 -10.05
C ASN D 166 -7.96 -17.62 -9.12
N ALA D 167 -7.34 -16.45 -9.27
CA ALA D 167 -6.10 -16.13 -8.56
C ALA D 167 -6.33 -15.86 -7.07
N HIS D 168 -7.60 -15.81 -6.66
CA HIS D 168 -7.93 -15.55 -5.26
C HIS D 168 -7.99 -16.81 -4.38
N ARG D 169 -7.91 -17.99 -4.98
CA ARG D 169 -7.97 -19.24 -4.19
C ARG D 169 -6.87 -19.26 -3.14
N PRO D 170 -7.23 -19.49 -1.86
CA PRO D 170 -6.16 -19.55 -0.86
C PRO D 170 -5.21 -20.71 -1.13
N GLY D 171 -3.92 -20.46 -0.93
CA GLY D 171 -2.92 -21.52 -1.01
C GLY D 171 -2.08 -21.54 -2.28
N LEU D 172 -2.29 -20.58 -3.17
CA LEU D 172 -1.50 -20.51 -4.41
C LEU D 172 -0.07 -20.08 -4.09
N GLN D 173 0.89 -20.75 -4.73
CA GLN D 173 2.31 -20.45 -4.51
C GLN D 173 2.84 -19.44 -5.52
N GLU D 174 2.32 -19.50 -6.74
CA GLU D 174 2.68 -18.55 -7.79
C GLU D 174 1.46 -17.72 -8.18
N LYS D 175 0.99 -16.88 -7.26
CA LYS D 175 -0.24 -16.11 -7.48
C LYS D 175 -0.17 -15.22 -8.73
N ARG D 176 0.98 -14.57 -8.93
CA ARG D 176 1.17 -13.67 -10.07
C ARG D 176 1.03 -14.41 -11.41
N LYS D 177 1.55 -15.63 -11.48
CA LYS D 177 1.41 -16.45 -12.68
C LYS D 177 -0.06 -16.79 -12.95
N VAL D 178 -0.80 -17.08 -11.89
CA VAL D 178 -2.24 -17.35 -12.01
C VAL D 178 -3.00 -16.07 -12.39
N GLU D 179 -2.63 -14.95 -11.79
CA GLU D 179 -3.21 -13.62 -12.12
C GLU D 179 -3.05 -13.29 -13.60
N GLN D 180 -1.88 -13.58 -14.16
CA GLN D 180 -1.61 -13.27 -15.56
C GLN D 180 -2.49 -14.11 -16.49
N LEU D 181 -2.63 -15.39 -16.16
CA LEU D 181 -3.48 -16.30 -16.91
C LEU D 181 -4.94 -15.87 -16.78
N GLN D 182 -5.37 -15.59 -15.56
CA GLN D 182 -6.74 -15.10 -15.30
C GLN D 182 -7.04 -13.85 -16.13
N TYR D 183 -6.10 -12.90 -16.13
CA TYR D 183 -6.31 -11.65 -16.87
C TYR D 183 -6.40 -11.87 -18.37
N ASN D 184 -5.53 -12.69 -18.92
CA ASN D 184 -5.61 -13.01 -20.36
C ASN D 184 -6.91 -13.71 -20.70
N LEU D 185 -7.36 -14.61 -19.83
CA LEU D 185 -8.65 -15.26 -20.02
C LEU D 185 -9.84 -14.30 -19.91
N GLU D 186 -9.72 -13.29 -19.05
CA GLU D 186 -10.72 -12.23 -18.95
C GLU D 186 -10.76 -11.40 -20.23
N LEU D 187 -9.57 -11.07 -20.75
CA LEU D 187 -9.48 -10.36 -22.03
C LEU D 187 -10.11 -11.18 -23.15
N ALA D 188 -9.87 -12.50 -23.14
CA ALA D 188 -10.46 -13.39 -24.13
C ALA D 188 -11.98 -13.39 -24.05
N PHE D 189 -12.49 -13.55 -22.83
CA PHE D 189 -13.93 -13.57 -22.59
C PHE D 189 -14.58 -12.25 -23.02
N HIS D 190 -14.01 -11.13 -22.58
CA HIS D 190 -14.54 -9.80 -22.90
C HIS D 190 -14.50 -9.52 -24.41
N HIS D 191 -13.40 -9.90 -25.05
CA HIS D 191 -13.27 -9.72 -26.50
C HIS D 191 -14.35 -10.49 -27.25
N HIS D 192 -14.51 -11.76 -26.91
CA HIS D 192 -15.50 -12.60 -27.57
C HIS D 192 -16.92 -12.06 -27.36
N LEU D 193 -17.21 -11.62 -26.13
CA LEU D 193 -18.52 -11.06 -25.83
C LEU D 193 -18.80 -9.79 -26.63
N SER D 194 -17.82 -8.88 -26.68
CA SER D 194 -17.99 -7.62 -27.41
C SER D 194 -18.19 -7.84 -28.91
N LYS D 195 -17.46 -8.81 -29.47
CA LYS D 195 -17.62 -9.22 -30.87
C LYS D 195 -19.05 -9.66 -31.16
N THR D 196 -19.60 -10.43 -30.23
CA THR D 196 -20.91 -11.07 -30.40
C THR D 196 -22.04 -10.28 -29.75
N HIS D 197 -21.74 -9.02 -29.36
CA HIS D 197 -22.71 -8.12 -28.71
CA HIS D 197 -22.68 -8.11 -28.69
C HIS D 197 -23.37 -8.77 -27.49
N ARG D 198 -22.55 -9.35 -26.61
CA ARG D 198 -23.06 -10.08 -25.45
C ARG D 198 -22.46 -9.63 -24.12
N GLN D 199 -21.82 -8.47 -24.09
CA GLN D 199 -21.21 -7.96 -22.85
C GLN D 199 -22.25 -7.75 -21.75
N SER D 200 -23.52 -7.67 -22.15
CA SER D 200 -24.63 -7.51 -21.20
C SER D 200 -24.71 -8.64 -20.16
N ILE D 201 -24.20 -9.82 -20.50
CA ILE D 201 -24.30 -10.97 -19.59
C ILE D 201 -23.37 -10.88 -18.38
N LEU D 202 -22.34 -10.04 -18.48
CA LEU D 202 -21.34 -9.95 -17.40
C LEU D 202 -21.93 -9.59 -16.04
N ALA D 203 -22.82 -8.59 -16.03
CA ALA D 203 -23.47 -8.16 -14.79
C ALA D 203 -24.54 -9.15 -14.31
N LYS D 204 -24.89 -10.10 -15.17
CA LYS D 204 -25.91 -11.08 -14.87
C LYS D 204 -25.32 -12.40 -14.37
N LEU D 205 -24.00 -12.54 -14.47
CA LEU D 205 -23.31 -13.72 -13.96
C LEU D 205 -23.44 -13.80 -12.43
N PRO D 206 -23.51 -15.02 -11.88
CA PRO D 206 -23.66 -15.14 -10.42
C PRO D 206 -22.45 -14.60 -9.67
N PRO D 207 -22.67 -13.91 -8.54
CA PRO D 207 -21.52 -13.46 -7.74
C PRO D 207 -20.75 -14.65 -7.18
N LYS D 208 -19.42 -14.53 -7.06
CA LYS D 208 -18.56 -15.64 -6.62
C LYS D 208 -19.03 -16.32 -5.33
N GLY D 209 -19.64 -15.52 -4.44
CA GLY D 209 -20.17 -16.02 -3.18
C GLY D 209 -21.26 -17.07 -3.36
N LYS D 210 -21.96 -17.00 -4.49
CA LYS D 210 -23.02 -17.96 -4.80
C LYS D 210 -22.48 -19.38 -5.00
N LEU D 211 -21.46 -19.51 -5.84
CA LEU D 211 -20.84 -20.80 -6.08
C LEU D 211 -20.16 -21.34 -4.82
N ARG D 212 -19.50 -20.46 -4.08
CA ARG D 212 -18.93 -20.82 -2.79
C ARG D 212 -19.97 -21.39 -1.82
N SER D 213 -21.14 -20.76 -1.78
CA SER D 213 -22.21 -21.18 -0.88
C SER D 213 -22.72 -22.58 -1.21
N LEU D 214 -22.85 -22.88 -2.51
CA LEU D 214 -23.31 -24.19 -2.96
C LEU D 214 -22.28 -25.25 -2.63
N CYS D 215 -21.00 -24.92 -2.85
CA CYS D 215 -19.91 -25.86 -2.54
C CYS D 215 -19.76 -26.12 -1.05
N SER D 216 -19.90 -25.06 -0.24
CA SER D 216 -19.84 -25.19 1.22
CA SER D 216 -19.84 -25.17 1.22
C SER D 216 -20.97 -26.06 1.75
N GLN D 217 -22.18 -25.85 1.25
CA GLN D 217 -23.33 -26.64 1.65
C GLN D 217 -23.16 -28.11 1.29
N HIS D 218 -22.57 -28.36 0.11
CA HIS D 218 -22.28 -29.73 -0.33
C HIS D 218 -21.42 -30.45 0.71
N VAL D 219 -20.33 -29.80 1.12
CA VAL D 219 -19.42 -30.33 2.13
C VAL D 219 -20.14 -30.64 3.45
N GLU D 220 -20.99 -29.72 3.90
CA GLU D 220 -21.76 -29.91 5.12
C GLU D 220 -22.76 -31.07 5.03
N ARG D 221 -23.51 -31.13 3.93
CA ARG D 221 -24.46 -32.22 3.74
C ARG D 221 -23.74 -33.58 3.71
N LEU D 222 -22.55 -33.61 3.12
CA LEU D 222 -21.75 -34.83 3.13
C LEU D 222 -21.30 -35.24 4.54
N GLN D 223 -20.96 -34.27 5.39
CA GLN D 223 -20.67 -34.56 6.81
C GLN D 223 -21.83 -35.27 7.46
N ILE D 224 -23.03 -34.77 7.20
CA ILE D 224 -24.25 -35.33 7.75
C ILE D 224 -24.41 -36.77 7.26
N PHE D 225 -24.18 -36.98 5.96
CA PHE D 225 -24.32 -38.31 5.40
C PHE D 225 -23.28 -39.28 5.95
N GLN D 226 -22.04 -38.80 6.03
CA GLN D 226 -20.90 -39.61 6.49
C GLN D 226 -21.07 -40.08 7.94
N HIS D 227 -21.75 -39.28 8.76
CA HIS D 227 -22.11 -39.71 10.11
C HIS D 227 -23.07 -40.90 10.09
N LEU D 228 -24.09 -40.80 9.25
CA LEU D 228 -25.15 -41.80 9.22
C LEU D 228 -24.70 -43.10 8.58
N HIS D 229 -23.82 -42.98 7.57
CA HIS D 229 -23.39 -44.12 6.77
C HIS D 229 -21.87 -44.09 6.48
N PRO D 230 -21.05 -44.23 7.55
CA PRO D 230 -19.59 -44.10 7.39
C PRO D 230 -18.99 -45.17 6.48
N ILE D 231 -19.48 -46.40 6.60
CA ILE D 231 -18.92 -47.52 5.84
C ILE D 231 -19.21 -47.38 4.34
N VAL D 232 -20.38 -46.87 3.99
CA VAL D 232 -20.74 -46.68 2.57
C VAL D 232 -19.73 -45.74 1.91
N VAL D 233 -19.40 -44.66 2.60
CA VAL D 233 -18.42 -43.72 2.07
C VAL D 233 -17.09 -44.43 1.80
N GLN D 234 -16.61 -45.20 2.79
CA GLN D 234 -15.33 -45.88 2.66
CA GLN D 234 -15.33 -45.91 2.68
C GLN D 234 -15.36 -46.98 1.58
N ALA D 235 -16.46 -47.70 1.48
CA ALA D 235 -16.53 -48.88 0.61
C ALA D 235 -16.95 -48.60 -0.82
N ALA D 236 -17.78 -47.58 -1.02
CA ALA D 236 -18.44 -47.43 -2.33
C ALA D 236 -18.25 -46.10 -3.07
N PHE D 237 -17.92 -45.03 -2.34
CA PHE D 237 -17.78 -43.71 -2.95
C PHE D 237 -16.46 -43.63 -3.73
N PRO D 238 -16.44 -42.90 -4.86
CA PRO D 238 -15.17 -42.72 -5.58
C PRO D 238 -14.13 -42.05 -4.68
N PRO D 239 -12.91 -42.60 -4.62
CA PRO D 239 -11.88 -41.99 -3.76
C PRO D 239 -11.63 -40.50 -4.06
N LEU D 240 -11.71 -40.10 -5.33
CA LEU D 240 -11.52 -38.69 -5.69
C LEU D 240 -12.58 -37.80 -5.06
N TYR D 241 -13.81 -38.31 -4.98
CA TYR D 241 -14.92 -37.61 -4.36
C TYR D 241 -14.60 -37.34 -2.88
N LYS D 242 -14.17 -38.39 -2.17
CA LYS D 242 -13.75 -38.28 -0.77
CA LYS D 242 -13.78 -38.27 -0.77
C LYS D 242 -12.63 -37.27 -0.60
N GLU D 243 -11.64 -37.33 -1.50
CA GLU D 243 -10.51 -36.40 -1.44
C GLU D 243 -10.94 -34.94 -1.55
N LEU D 244 -11.88 -34.67 -2.46
CA LEU D 244 -12.31 -33.30 -2.72
C LEU D 244 -13.26 -32.77 -1.66
N PHE D 245 -14.07 -33.63 -1.07
CA PHE D 245 -15.24 -33.17 -0.31
C PHE D 245 -15.39 -33.65 1.13
N SER D 246 -14.71 -34.74 1.49
N SER D 246 -14.71 -34.74 1.49
CA SER D 246 -14.81 -35.29 2.83
CA SER D 246 -14.84 -35.31 2.84
C SER D 246 -14.15 -34.35 3.84
C SER D 246 -14.06 -34.54 3.90
N THR D 247 -14.70 -34.35 5.06
CA THR D 247 -14.11 -33.65 6.20
C THR D 247 -13.47 -34.68 7.11
N THR E 7 -8.39 11.12 32.88
CA THR E 7 -7.60 11.02 31.62
C THR E 7 -8.51 11.17 30.40
N LEU E 8 -7.90 11.17 29.21
CA LEU E 8 -8.67 11.27 27.97
C LEU E 8 -9.41 9.98 27.66
N LEU E 9 -8.79 8.84 27.95
CA LEU E 9 -9.48 7.55 27.79
C LEU E 9 -10.76 7.50 28.63
N GLN E 10 -10.63 7.97 29.87
CA GLN E 10 -11.75 8.07 30.80
C GLN E 10 -12.88 8.91 30.22
N LEU E 11 -12.52 10.06 29.65
CA LEU E 11 -13.49 10.96 29.03
C LEU E 11 -14.17 10.32 27.82
N LEU E 12 -13.39 9.68 26.95
CA LEU E 12 -13.93 8.99 25.79
C LEU E 12 -14.83 7.81 26.17
N LEU E 13 -14.52 7.16 27.29
CA LEU E 13 -15.33 6.05 27.79
C LEU E 13 -16.62 6.53 28.47
N GLY E 14 -16.63 7.80 28.87
CA GLY E 14 -17.83 8.43 29.41
C GLY E 14 -17.82 8.53 30.93
N HIS E 15 -16.68 8.93 31.48
CA HIS E 15 -16.52 9.12 32.91
C HIS E 15 -15.98 10.51 33.23
N THR F 7 36.67 -5.10 10.80
CA THR F 7 35.61 -5.49 9.82
C THR F 7 36.19 -6.11 8.56
N LEU F 8 35.34 -6.72 7.75
CA LEU F 8 35.78 -7.35 6.50
C LEU F 8 36.24 -6.33 5.46
N LEU F 9 35.58 -5.18 5.41
CA LEU F 9 36.05 -4.09 4.54
C LEU F 9 37.43 -3.59 4.97
N GLN F 10 37.67 -3.47 6.28
CA GLN F 10 38.99 -3.13 6.81
C GLN F 10 40.06 -4.15 6.40
N LEU F 11 39.70 -5.44 6.48
CA LEU F 11 40.59 -6.53 6.07
C LEU F 11 40.91 -6.48 4.59
N LEU F 12 39.87 -6.33 3.78
CA LEU F 12 40.05 -6.31 2.33
C LEU F 12 40.85 -5.09 1.89
N LEU F 13 40.83 -4.02 2.70
CA LEU F 13 41.55 -2.80 2.38
C LEU F 13 42.95 -2.74 2.98
N GLY F 14 43.23 -3.64 3.93
CA GLY F 14 44.54 -3.72 4.58
C GLY F 14 44.72 -2.72 5.72
N HIS F 15 43.62 -2.33 6.35
CA HIS F 15 43.62 -1.32 7.41
C HIS F 15 44.08 -1.87 8.75
N LYS F 16 44.60 -0.97 9.60
CA LYS F 16 44.97 -1.30 10.97
C LYS F 16 43.90 -0.85 11.95
N THR G 7 2.70 28.94 26.55
CA THR G 7 1.81 28.58 25.41
C THR G 7 2.61 27.90 24.30
N LEU G 8 1.91 27.20 23.42
CA LEU G 8 2.55 26.52 22.30
C LEU G 8 3.15 27.50 21.29
N LEU G 9 2.48 28.63 21.09
CA LEU G 9 3.01 29.66 20.22
C LEU G 9 4.34 30.19 20.74
N GLN G 10 4.42 30.41 22.06
CA GLN G 10 5.68 30.78 22.73
C GLN G 10 6.77 29.74 22.48
N LEU G 11 6.43 28.47 22.65
CA LEU G 11 7.38 27.37 22.42
C LEU G 11 7.90 27.34 20.99
N LEU G 12 6.98 27.46 20.04
CA LEU G 12 7.32 27.45 18.61
C LEU G 12 8.21 28.64 18.22
N LEU G 13 8.01 29.78 18.88
CA LEU G 13 8.77 30.98 18.58
C LEU G 13 10.08 31.06 19.36
N GLY G 14 10.26 30.12 20.29
CA GLY G 14 11.49 30.05 21.08
C GLY G 14 11.59 31.11 22.16
N HIS G 15 10.45 31.52 22.71
CA HIS G 15 10.43 32.52 23.78
C HIS G 15 10.92 31.95 25.10
N THR H 7 -1.66 -36.80 -3.76
CA THR H 7 -3.15 -36.79 -3.94
C THR H 7 -3.55 -37.48 -5.23
N LEU H 8 -4.84 -37.81 -5.33
CA LEU H 8 -5.38 -38.35 -6.58
C LEU H 8 -5.44 -37.31 -7.69
N LEU H 9 -5.63 -36.05 -7.33
CA LEU H 9 -5.56 -34.99 -8.34
C LEU H 9 -4.15 -34.96 -8.95
N GLN H 10 -3.13 -35.11 -8.11
CA GLN H 10 -1.74 -35.15 -8.59
C GLN H 10 -1.57 -36.29 -9.60
N LEU H 11 -2.01 -37.48 -9.21
CA LEU H 11 -1.88 -38.66 -10.06
C LEU H 11 -2.65 -38.49 -11.38
N LEU H 12 -3.85 -37.93 -11.31
CA LEU H 12 -4.65 -37.67 -12.50
C LEU H 12 -4.02 -36.60 -13.41
N LEU H 13 -3.37 -35.62 -12.79
CA LEU H 13 -2.70 -34.56 -13.56
C LEU H 13 -1.45 -35.10 -14.30
N GLY H 14 -1.06 -36.32 -13.96
CA GLY H 14 -0.05 -37.05 -14.71
C GLY H 14 1.32 -36.99 -14.08
N HIS H 15 1.38 -36.49 -12.84
CA HIS H 15 2.66 -36.34 -12.12
C HIS H 15 3.07 -37.62 -11.40
C1 98N I . -0.09 4.11 9.54
C2 98N I . 0.50 3.21 8.67
C11 98N I . 2.09 1.36 9.15
C12 98N I . 3.55 0.88 8.96
C13 98N I . 1.52 0.80 10.49
C16 98N I . -5.42 4.45 6.54
C17 98N I . -6.27 3.28 7.08
C19 98N I . -8.36 2.51 7.84
C20 98N I . -7.86 1.22 8.04
C21 98N I . -6.52 0.95 7.73
C22 98N I . -5.72 1.99 7.24
C24 98N I . -8.79 0.11 10.44
C25 98N I . -7.36 -0.21 10.94
C28 98N I . 3.31 4.22 10.53
C29 98N I . 3.58 4.53 12.01
C30 98N I . 3.83 3.21 12.82
N3 98N I . -0.17 2.68 7.62
C4 98N I . -1.45 3.04 7.44
C5 98N I . -2.09 3.96 8.30
C6 98N I . -1.40 4.51 9.38
C7 98N I . -3.52 4.33 8.05
C8 98N I . 0.90 4.52 10.59
N9 98N I . 2.00 3.54 10.38
C10 98N I . 1.93 2.91 9.04
O14 98N I . -4.18 4.76 8.98
N15 98N I . -4.02 4.14 6.81
N18 98N I . -7.57 3.51 7.38
S23 98N I . -8.96 -0.04 8.65
O26 98N I . -10.31 0.34 8.28
O27 98N I . -8.49 -1.33 8.19
C31 98N I . 4.41 3.49 14.23
C32 98N I . 5.70 4.34 14.05
C33 98N I . 5.33 5.73 13.47
C34 98N I . 4.76 5.54 12.05
C35 98N I . 6.50 4.53 15.35
F36 98N I . 6.52 3.39 16.07
F37 98N I . 7.78 4.86 15.03
F38 98N I . 5.91 5.51 16.08
C1 98N J . 22.39 -10.28 -10.24
C2 98N J . 21.51 -10.05 -11.29
C11 98N J . 19.69 -8.36 -11.70
C12 98N J . 18.24 -7.89 -11.41
C13 98N J . 20.67 -7.15 -11.63
C16 98N J . 26.93 -12.47 -13.79
C17 98N J . 27.75 -11.23 -14.16
C19 98N J . 29.88 -10.26 -14.34
C20 98N J . 29.32 -9.05 -14.77
C21 98N J . 27.93 -8.92 -14.90
C22 98N J . 27.15 -10.04 -14.59
C24 98N J . 30.55 -6.81 -13.60
C25 98N J . 29.17 -6.37 -13.04
C28 98N J . 19.41 -9.69 -8.51
C29 98N J . 19.50 -8.95 -7.16
C30 98N J . 19.45 -7.42 -7.45
N3 98N J . 21.86 -10.26 -12.56
C4 98N J . 23.10 -10.70 -12.83
C5 98N J . 24.04 -10.95 -11.81
C6 98N J . 23.68 -10.74 -10.47
C7 98N J . 25.41 -11.44 -12.15
C8 98N J . 21.71 -9.97 -8.93
N9 98N J . 20.49 -9.23 -9.38
C10 98N J . 20.16 -9.56 -10.80
O14 98N J . 26.31 -11.28 -11.32
N15 98N J . 25.60 -12.00 -13.37
N18 98N J . 29.09 -11.31 -14.04
S23 98N J . 30.38 -7.69 -15.17
O26 98N J . 31.66 -8.23 -15.56
O27 98N J . 29.72 -6.83 -16.13
C31 98N J . 19.24 -6.61 -6.15
C32 98N J . 17.92 -7.10 -5.50
C33 98N J . 18.09 -8.56 -5.02
C34 98N J . 18.37 -9.48 -6.22
C35 98N J . 17.57 -6.18 -4.31
F36 98N J . 17.63 -4.88 -4.72
F37 98N J . 16.33 -6.50 -3.86
F38 98N J . 18.45 -6.40 -3.32
C1 98N K . -8.84 22.60 4.38
C2 98N K . -9.60 22.89 3.26
C11 98N K . -11.24 24.65 2.77
C12 98N K . -12.73 25.05 2.65
C13 98N K . -10.36 25.83 3.30
C16 98N K . -3.99 20.62 1.21
C17 98N K . -3.19 21.88 0.91
C19 98N K . -1.11 22.98 1.00
C20 98N K . -1.65 24.12 0.43
C21 98N K . -3.01 24.16 0.07
C22 98N K . -3.77 23.01 0.32
C24 98N K . -0.60 26.40 1.70
C25 98N K . -2.03 26.82 2.16
C28 98N K . -12.04 23.03 5.74
C29 98N K . -12.22 23.77 7.09
C30 98N K . -12.26 25.32 6.87
N3 98N K . -9.12 22.76 2.01
C4 98N K . -7.86 22.35 1.84
C5 98N K . -7.07 22.03 2.94
C6 98N K . -7.54 22.17 4.24
C7 98N K . -5.65 21.58 2.72
C8 98N K . -9.65 22.83 5.63
N9 98N K . -10.84 23.56 5.07
C10 98N K . -11.00 23.35 3.60
O14 98N K . -4.86 21.75 3.62
N15 98N K . -5.35 21.04 1.53
N18 98N K . -1.88 21.89 1.23
S23 98N K . -0.60 25.52 0.13
O26 98N K . 0.74 25.01 -0.09
O27 98N K . -1.20 26.32 -0.92
C31 98N K . -12.49 26.03 8.23
C32 98N K . -13.83 25.50 8.79
C33 98N K . -13.73 23.98 9.11
C34 98N K . -13.48 23.23 7.80
C35 98N K . -14.28 26.29 10.02
F36 98N K . -15.61 26.18 10.17
F37 98N K . -13.70 25.75 11.13
F38 98N K . -13.94 27.59 9.84
C1 98N L . -26.41 -34.81 -10.25
C2 98N L . -27.63 -34.17 -10.47
C11 98N L . -28.60 -32.11 -9.41
C12 98N L . -29.24 -31.47 -8.14
C13 98N L . -27.38 -31.27 -9.87
C16 98N L . -25.85 -36.60 -16.09
C17 98N L . -25.13 -35.44 -16.79
C19 98N L . -23.39 -34.76 -18.23
C20 98N L . -23.76 -33.42 -18.11
C21 98N L . -24.85 -33.09 -17.30
C22 98N L . -25.54 -34.11 -16.64
C24 98N L . -21.44 -31.87 -17.90
C25 98N L . -21.89 -31.38 -16.51
C28 98N L . -27.55 -34.36 -6.97
C29 98N L . -26.40 -34.25 -5.95
C30 98N L . -26.04 -32.75 -5.71
N3 98N L . -28.17 -34.07 -11.69
C4 98N L . -27.52 -34.61 -12.73
C5 98N L . -26.29 -35.28 -12.56
C6 98N L . -25.70 -35.38 -11.30
C7 98N L . -25.61 -35.85 -13.78
C8 98N L . -26.06 -34.76 -8.79
N9 98N L . -27.08 -33.82 -8.26
C10 98N L . -28.22 -33.63 -9.20
O14 98N L . -24.41 -36.09 -13.72
N15 98N L . -26.40 -36.07 -14.86
N18 98N L . -24.06 -35.73 -17.58
S23 98N L . -22.86 -32.15 -18.98
O26 98N L . -22.37 -32.78 -20.21
O27 98N L . -23.66 -30.97 -19.09
C31 98N L . -25.07 -32.55 -4.51
C32 98N L . -25.70 -33.23 -3.26
C33 98N L . -25.78 -34.76 -3.51
C34 98N L . -26.79 -35.01 -4.65
C35 98N L . -24.89 -32.95 -1.99
F36 98N L . -24.41 -31.68 -2.05
F37 98N L . -25.70 -33.06 -0.91
F38 98N L . -23.88 -33.84 -1.90
#